data_6IPA
#
_entry.id   6IPA
#
_cell.length_a   37.170
_cell.length_b   146.900
_cell.length_c   146.930
_cell.angle_alpha   90.000
_cell.angle_beta   90.000
_cell.angle_gamma   90.000
#
_symmetry.space_group_name_H-M   'P 21 21 21'
#
loop_
_entity.id
_entity.type
_entity.pdbx_description
1 polymer 'aminoacyl-tRNA synthetase-interacting multifunctional protein p43'
2 water water
#
_entity_poly.entity_id   1
_entity_poly.type   'polypeptide(L)'
_entity_poly.pdbx_seq_one_letter_code
;GAMADKNAKNENGDNEKGKKKNNAQNKNAQKKKVEEPKNLDDITRLNIIVGYVEEVEIHPDADTLYCLKINVGEEKSRDI
CSGLRLKKNSEDLLHKYVLVLANLKEKSLRGRKSHGMVLCGSFGEQIELLAPPDGVNVGERIICENMDVNKLPDKTLSFD
KEKNPFFHIQPHLLVKNGVAHYKDAKWLSSKGEITCPLEQGTIS
;
_entity_poly.pdbx_strand_id   A,B,C,D
#
# COMPACT_ATOMS: atom_id res chain seq x y z
N LEU A 40 7.56 -0.65 -5.87
CA LEU A 40 8.82 -0.99 -6.59
C LEU A 40 9.21 0.08 -7.64
N ASP A 41 8.35 0.40 -8.62
CA ASP A 41 8.60 1.60 -9.52
C ASP A 41 8.20 2.88 -8.77
N ASP A 42 9.05 3.30 -7.86
CA ASP A 42 8.71 4.44 -7.04
C ASP A 42 10.05 5.10 -6.76
N ILE A 43 10.23 6.28 -7.33
CA ILE A 43 11.52 6.89 -7.28
C ILE A 43 11.82 7.53 -5.93
N THR A 44 10.80 7.71 -5.09
CA THR A 44 11.01 8.27 -3.75
C THR A 44 11.89 7.32 -2.92
N ARG A 45 11.99 6.08 -3.38
CA ARG A 45 12.66 5.02 -2.64
C ARG A 45 14.15 4.99 -2.82
N LEU A 46 14.63 5.63 -3.89
CA LEU A 46 16.04 5.87 -4.12
C LEU A 46 16.50 7.09 -3.37
N ASN A 47 17.65 6.96 -2.70
CA ASN A 47 18.40 8.11 -2.12
C ASN A 47 19.56 8.45 -2.94
N ILE A 48 19.39 9.35 -3.89
CA ILE A 48 20.42 9.82 -4.81
C ILE A 48 21.03 11.13 -4.30
N ILE A 49 22.31 11.13 -3.98
CA ILE A 49 22.92 12.30 -3.35
C ILE A 49 24.22 12.73 -4.04
N VAL A 50 24.57 14.00 -3.91
CA VAL A 50 25.76 14.54 -4.52
C VAL A 50 26.95 14.28 -3.63
N GLY A 51 27.99 13.76 -4.25
CA GLY A 51 29.28 13.66 -3.61
C GLY A 51 30.41 14.31 -4.41
N TYR A 52 31.49 14.59 -3.73
CA TYR A 52 32.74 15.11 -4.31
C TYR A 52 33.72 13.97 -4.37
N VAL A 53 34.19 13.66 -5.58
CA VAL A 53 35.19 12.61 -5.76
C VAL A 53 36.57 13.09 -5.24
N GLU A 54 36.97 12.63 -4.06
CA GLU A 54 38.29 12.97 -3.53
C GLU A 54 39.49 12.33 -4.24
N GLU A 55 39.38 11.05 -4.59
CA GLU A 55 40.50 10.24 -5.11
C GLU A 55 40.03 9.21 -6.14
N VAL A 56 40.82 9.07 -7.22
CA VAL A 56 40.70 7.97 -8.17
C VAL A 56 41.93 7.09 -8.04
N GLU A 57 41.71 5.80 -7.89
CA GLU A 57 42.76 4.80 -7.81
C GLU A 57 42.30 3.65 -8.70
N ILE A 58 43.23 2.84 -9.23
CA ILE A 58 42.88 1.66 -10.06
C ILE A 58 42.81 0.48 -9.12
N HIS A 59 42.07 -0.54 -9.52
CA HIS A 59 41.77 -1.69 -8.65
C HIS A 59 42.85 -2.74 -8.97
N PRO A 60 43.60 -3.22 -7.93
CA PRO A 60 44.64 -4.20 -8.21
C PRO A 60 44.14 -5.41 -8.97
N ASP A 61 43.10 -6.06 -8.45
CA ASP A 61 42.57 -7.30 -9.02
C ASP A 61 41.38 -7.13 -9.97
N ALA A 62 40.85 -5.94 -10.09
CA ALA A 62 39.82 -5.71 -11.07
C ALA A 62 40.43 -4.86 -12.17
N ASP A 63 40.54 -5.48 -13.33
CA ASP A 63 41.02 -4.84 -14.54
C ASP A 63 40.25 -3.53 -14.86
N THR A 64 38.90 -3.59 -14.86
CA THR A 64 38.04 -2.48 -15.36
C THR A 64 37.49 -1.48 -14.32
N LEU A 65 37.77 -1.70 -13.05
CA LEU A 65 37.21 -0.85 -12.02
C LEU A 65 38.23 0.18 -11.55
N TYR A 66 37.80 1.45 -11.48
CA TYR A 66 38.48 2.41 -10.61
C TYR A 66 37.94 2.23 -9.19
N CYS A 67 38.77 2.50 -8.19
CA CYS A 67 38.38 2.59 -6.77
C CYS A 67 38.28 4.06 -6.37
N LEU A 68 37.05 4.57 -6.16
CA LEU A 68 36.82 5.99 -5.84
C LEU A 68 36.60 6.26 -4.40
N LYS A 69 37.03 7.44 -3.97
CA LYS A 69 36.77 7.91 -2.62
C LYS A 69 35.88 9.13 -2.78
N ILE A 70 34.69 9.08 -2.21
CA ILE A 70 33.72 10.10 -2.51
C ILE A 70 33.07 10.63 -1.24
N ASN A 71 33.18 11.93 -1.04
CA ASN A 71 32.62 12.60 0.15
C ASN A 71 31.16 12.86 -0.17
N VAL A 72 30.27 12.21 0.59
CA VAL A 72 28.83 12.37 0.34
C VAL A 72 28.17 12.98 1.59
N GLY A 73 28.94 13.69 2.40
CA GLY A 73 28.41 14.49 3.48
C GLY A 73 28.49 13.76 4.76
N GLU A 74 29.04 12.55 4.74
CA GLU A 74 29.14 11.72 5.95
C GLU A 74 30.42 12.00 6.69
N GLU A 75 30.57 11.37 7.84
CA GLU A 75 31.73 11.63 8.71
C GLU A 75 33.01 11.20 8.00
N LYS A 76 32.94 10.09 7.28
CA LYS A 76 34.06 9.56 6.50
C LYS A 76 33.63 9.48 5.05
N SER A 77 34.57 9.73 4.15
CA SER A 77 34.27 9.68 2.74
C SER A 77 34.10 8.20 2.36
N ARG A 78 33.22 7.89 1.42
CA ARG A 78 32.95 6.50 1.11
C ARG A 78 33.89 5.98 0.06
N ASP A 79 34.00 4.66 0.01
CA ASP A 79 34.73 3.91 -1.00
C ASP A 79 33.70 3.34 -1.94
N ILE A 80 33.76 3.75 -3.20
CA ILE A 80 32.85 3.29 -4.23
C ILE A 80 33.71 2.83 -5.42
N CYS A 81 33.49 1.61 -5.89
CA CYS A 81 34.03 1.16 -7.21
C CYS A 81 33.21 1.68 -8.43
N SER A 82 33.88 1.79 -9.58
CA SER A 82 33.20 2.15 -10.84
C SER A 82 33.87 1.47 -12.03
N GLY A 83 33.04 1.01 -12.96
CA GLY A 83 33.48 0.33 -14.14
C GLY A 83 33.66 1.28 -15.29
N LEU A 84 34.33 2.40 -15.05
CA LEU A 84 34.69 3.34 -16.11
C LEU A 84 36.18 3.27 -16.48
N ARG A 85 36.92 2.26 -16.06
CA ARG A 85 38.39 2.25 -16.31
C ARG A 85 38.75 2.23 -17.82
N LEU A 86 38.02 1.49 -18.63
CA LEU A 86 38.30 1.39 -20.08
C LEU A 86 37.71 2.52 -20.93
N LYS A 87 36.84 3.35 -20.37
CA LYS A 87 36.27 4.44 -21.17
C LYS A 87 36.54 5.83 -20.64
N LYS A 88 37.25 5.94 -19.52
CA LYS A 88 37.51 7.24 -18.92
C LYS A 88 38.84 7.30 -18.24
N ASN A 89 39.51 8.44 -18.33
CA ASN A 89 40.77 8.67 -17.59
C ASN A 89 40.52 9.18 -16.15
N SER A 90 41.49 9.08 -15.27
CA SER A 90 41.32 9.47 -13.86
C SER A 90 40.95 10.93 -13.66
N GLU A 91 41.66 11.82 -14.34
CA GLU A 91 41.38 13.25 -14.20
C GLU A 91 39.97 13.61 -14.72
N ASP A 92 39.31 12.69 -15.42
CA ASP A 92 37.92 12.87 -15.88
C ASP A 92 36.89 12.75 -14.75
N LEU A 93 37.30 12.09 -13.69
CA LEU A 93 36.51 11.79 -12.56
C LEU A 93 36.98 12.58 -11.31
N LEU A 94 38.30 12.82 -11.21
CA LEU A 94 38.87 13.37 -10.01
C LEU A 94 38.25 14.72 -9.71
N HIS A 95 37.97 14.98 -8.44
CA HIS A 95 37.52 16.31 -8.06
C HIS A 95 36.24 16.78 -8.77
N LYS A 96 35.46 15.83 -9.28
CA LYS A 96 34.10 16.12 -9.75
C LYS A 96 33.09 15.95 -8.61
N TYR A 97 31.97 16.64 -8.79
CA TYR A 97 30.75 16.50 -7.99
C TYR A 97 29.89 15.50 -8.74
N VAL A 98 29.58 14.37 -8.10
CA VAL A 98 28.87 13.31 -8.83
C VAL A 98 27.58 13.02 -8.09
N LEU A 99 26.73 12.21 -8.75
CA LEU A 99 25.46 11.74 -8.16
C LEU A 99 25.58 10.32 -7.70
N VAL A 100 25.54 10.13 -6.39
CA VAL A 100 25.66 8.78 -5.82
C VAL A 100 24.31 8.24 -5.38
N LEU A 101 23.95 7.06 -5.88
CA LEU A 101 22.88 6.22 -5.28
C LEU A 101 23.38 5.64 -3.97
N ALA A 102 23.12 6.37 -2.89
CA ALA A 102 23.67 6.06 -1.56
C ALA A 102 23.14 4.85 -0.80
N ASN A 103 21.94 4.39 -1.13
CA ASN A 103 21.26 3.39 -0.27
C ASN A 103 21.28 1.95 -0.72
N LEU A 104 22.09 1.67 -1.74
CA LEU A 104 22.51 0.33 -2.00
C LEU A 104 23.32 -0.08 -0.79
N LYS A 105 23.40 -1.39 -0.53
CA LYS A 105 24.22 -1.91 0.58
C LYS A 105 25.67 -2.09 0.16
N GLU A 106 26.56 -1.90 1.14
CA GLU A 106 27.99 -2.17 0.98
C GLU A 106 28.16 -3.59 0.45
N LYS A 107 29.05 -3.72 -0.53
CA LYS A 107 29.48 -4.99 -1.13
C LYS A 107 31.02 -5.11 -1.09
N SER A 108 31.57 -6.28 -1.33
CA SER A 108 33.02 -6.42 -1.33
C SER A 108 33.45 -7.04 -2.60
N LEU A 109 33.92 -6.24 -3.56
CA LEU A 109 34.36 -6.77 -4.84
C LEU A 109 35.84 -6.89 -4.92
N ARG A 110 36.32 -8.09 -5.15
CA ARG A 110 37.72 -8.40 -5.33
C ARG A 110 38.64 -7.80 -4.33
N GLY A 111 38.30 -7.91 -3.08
CA GLY A 111 39.07 -7.41 -2.01
C GLY A 111 38.70 -6.01 -1.70
N ARG A 112 38.02 -5.36 -2.63
CA ARG A 112 37.64 -3.97 -2.41
C ARG A 112 36.20 -3.63 -2.07
N LYS A 113 36.01 -2.89 -0.97
CA LYS A 113 34.66 -2.48 -0.55
C LYS A 113 34.13 -1.42 -1.48
N SER A 114 32.81 -1.46 -1.70
CA SER A 114 32.09 -0.52 -2.55
C SER A 114 30.65 -0.23 -1.99
N HIS A 115 30.41 0.98 -1.53
CA HIS A 115 29.16 1.34 -0.85
C HIS A 115 28.45 2.48 -1.56
N GLY A 116 27.55 2.14 -2.49
CA GLY A 116 26.86 3.10 -3.35
C GLY A 116 27.31 2.93 -4.80
N MET A 117 26.91 3.82 -5.70
CA MET A 117 27.41 3.78 -7.10
C MET A 117 27.21 5.15 -7.76
N VAL A 118 28.02 5.44 -8.76
CA VAL A 118 28.05 6.76 -9.40
C VAL A 118 27.23 6.66 -10.66
N LEU A 119 26.43 7.70 -10.92
CA LEU A 119 25.38 7.58 -11.92
C LEU A 119 25.88 8.21 -13.21
N CYS A 120 25.53 7.62 -14.36
CA CYS A 120 26.01 8.05 -15.69
C CYS A 120 24.98 7.93 -16.79
N GLY A 121 25.21 8.73 -17.82
CA GLY A 121 24.50 8.64 -19.06
C GLY A 121 25.29 7.80 -20.04
N SER A 122 24.55 7.03 -20.83
CA SER A 122 25.12 6.16 -21.82
C SER A 122 24.41 6.30 -23.14
N PHE A 123 25.17 6.49 -24.21
CA PHE A 123 24.59 6.47 -25.58
C PHE A 123 25.62 5.92 -26.54
N GLY A 124 25.19 4.97 -27.38
CA GLY A 124 26.08 4.26 -28.29
C GLY A 124 27.23 3.70 -27.48
N GLU A 125 28.44 4.16 -27.74
CA GLU A 125 29.61 3.65 -27.04
C GLU A 125 30.12 4.65 -25.97
N GLN A 126 29.56 5.86 -25.98
CA GLN A 126 29.93 6.91 -24.99
C GLN A 126 29.28 6.69 -23.64
N ILE A 127 30.02 6.99 -22.56
CA ILE A 127 29.39 7.07 -21.24
C ILE A 127 29.91 8.33 -20.55
N GLU A 128 29.03 9.18 -20.03
CA GLU A 128 29.45 10.37 -19.30
C GLU A 128 28.80 10.41 -17.92
N LEU A 129 29.41 11.11 -16.99
CA LEU A 129 28.84 11.27 -15.67
C LEU A 129 27.64 12.22 -15.74
N LEU A 130 26.69 12.02 -14.83
CA LEU A 130 25.62 13.04 -14.60
C LEU A 130 26.26 14.07 -13.75
N ALA A 131 25.94 15.33 -13.99
CA ALA A 131 26.61 16.43 -13.32
C ALA A 131 25.59 17.39 -12.68
N PRO A 132 25.82 17.77 -11.40
CA PRO A 132 25.06 18.84 -10.75
C PRO A 132 25.65 20.12 -11.13
N PRO A 133 24.84 21.16 -11.36
CA PRO A 133 25.50 22.45 -11.54
C PRO A 133 26.34 22.78 -10.33
N ASP A 134 27.26 23.70 -10.49
CA ASP A 134 28.23 23.95 -9.42
C ASP A 134 27.48 24.61 -8.30
N GLY A 135 28.03 24.54 -7.09
CA GLY A 135 27.42 25.19 -5.89
C GLY A 135 26.64 24.25 -4.98
N VAL A 136 26.44 23.04 -5.44
CA VAL A 136 25.76 22.02 -4.69
C VAL A 136 26.59 21.58 -3.48
N ASN A 137 25.96 21.01 -2.48
CA ASN A 137 26.63 20.58 -1.27
C ASN A 137 26.68 19.09 -1.26
N VAL A 138 27.76 18.56 -0.70
CA VAL A 138 27.89 17.16 -0.51
C VAL A 138 26.74 16.82 0.38
N GLY A 139 26.03 15.76 0.06
CA GLY A 139 24.99 15.29 0.94
C GLY A 139 23.61 15.70 0.48
N GLU A 140 23.42 16.70 -0.37
CA GLU A 140 22.02 17.02 -0.73
C GLU A 140 21.32 15.99 -1.63
N ARG A 141 20.06 15.72 -1.27
CA ARG A 141 19.26 14.68 -1.93
C ARG A 141 18.75 15.31 -3.24
N ILE A 142 18.95 14.61 -4.36
CA ILE A 142 18.51 15.04 -5.68
C ILE A 142 17.13 14.41 -5.92
N ILE A 143 16.16 15.27 -6.26
CA ILE A 143 14.74 14.90 -6.25
C ILE A 143 14.15 15.27 -7.60
N CYS A 144 13.03 14.67 -7.98
CA CYS A 144 12.32 15.09 -9.20
C CYS A 144 11.41 16.29 -8.99
N GLU A 145 10.76 16.72 -10.05
CA GLU A 145 9.81 17.80 -9.97
C GLU A 145 8.52 17.18 -9.44
N ASN A 146 7.88 17.90 -8.55
CA ASN A 146 6.63 17.47 -7.88
C ASN A 146 6.79 16.26 -6.99
N MET A 147 7.98 16.11 -6.40
CA MET A 147 8.24 14.99 -5.53
C MET A 147 8.16 15.56 -4.12
N ASP A 148 7.72 14.73 -3.19
CA ASP A 148 7.50 15.17 -1.86
C ASP A 148 8.79 14.88 -1.13
N VAL A 149 9.43 15.92 -0.62
CA VAL A 149 10.70 15.72 0.07
C VAL A 149 10.56 14.86 1.34
N ASN A 150 9.37 14.76 1.93
CA ASN A 150 9.15 13.91 3.10
C ASN A 150 8.93 12.45 2.79
N LYS A 151 8.97 12.09 1.52
CA LYS A 151 8.91 10.69 1.19
C LYS A 151 10.32 10.07 1.21
N LEU A 152 10.68 9.53 2.36
CA LEU A 152 12.06 9.16 2.56
C LEU A 152 12.45 7.99 1.65
N PRO A 153 13.77 7.81 1.41
CA PRO A 153 14.20 6.72 0.60
C PRO A 153 14.34 5.53 1.52
N ASP A 154 14.33 4.33 0.95
CA ASP A 154 14.58 3.13 1.76
C ASP A 154 15.90 3.24 2.54
N LYS A 155 15.87 3.15 3.85
CA LYS A 155 17.07 2.94 4.65
C LYS A 155 18.06 2.11 3.86
N THR A 156 17.61 0.99 3.30
CA THR A 156 18.48 0.16 2.54
C THR A 156 17.77 -0.65 1.48
N LEU A 157 18.40 -0.73 0.29
CA LEU A 157 17.86 -1.44 -0.82
C LEU A 157 18.32 -2.86 -0.77
N SER A 158 17.54 -3.74 -1.37
CA SER A 158 17.77 -5.20 -1.40
C SER A 158 19.11 -5.60 -2.06
N PHE A 159 19.60 -6.80 -1.76
CA PHE A 159 20.73 -7.37 -2.48
C PHE A 159 20.24 -8.04 -3.78
N ASP A 160 19.04 -8.61 -3.72
CA ASP A 160 18.39 -9.22 -4.88
C ASP A 160 17.98 -8.14 -5.88
N LYS A 161 18.62 -8.12 -7.05
CA LYS A 161 18.34 -7.13 -8.09
C LYS A 161 16.86 -7.01 -8.31
N GLU A 162 16.22 -8.16 -8.46
CA GLU A 162 14.78 -8.25 -8.75
C GLU A 162 13.89 -7.61 -7.70
N LYS A 163 14.38 -7.48 -6.47
CA LYS A 163 13.60 -6.85 -5.39
C LYS A 163 14.14 -5.47 -5.02
N ASN A 164 14.91 -4.87 -5.93
CA ASN A 164 15.53 -3.57 -5.71
C ASN A 164 14.86 -2.58 -6.65
N PRO A 165 14.12 -1.62 -6.07
CA PRO A 165 13.47 -0.60 -6.87
C PRO A 165 14.31 -0.09 -8.02
N PHE A 166 15.58 0.19 -7.76
CA PHE A 166 16.42 0.79 -8.80
C PHE A 166 16.30 0.16 -10.21
N PHE A 167 16.37 -1.17 -10.29
CA PHE A 167 16.37 -1.86 -11.57
C PHE A 167 14.99 -1.88 -12.24
N HIS A 168 13.96 -1.63 -11.45
CA HIS A 168 12.60 -1.54 -11.99
C HIS A 168 12.36 -0.14 -12.48
N ILE A 169 12.97 0.81 -11.78
CA ILE A 169 12.87 2.21 -12.09
C ILE A 169 13.77 2.57 -13.31
N GLN A 170 14.94 1.93 -13.36
CA GLN A 170 16.00 2.23 -14.31
C GLN A 170 15.52 2.47 -15.74
N PRO A 171 14.66 1.59 -16.27
CA PRO A 171 14.22 1.80 -17.68
C PRO A 171 13.54 3.13 -17.96
N HIS A 172 13.09 3.81 -16.93
CA HIS A 172 12.46 5.09 -17.08
C HIS A 172 13.41 6.22 -16.75
N LEU A 173 14.66 5.89 -16.39
CA LEU A 173 15.72 6.91 -16.15
C LEU A 173 16.55 7.30 -17.42
N LEU A 174 16.29 8.49 -17.96
CA LEU A 174 16.84 8.93 -19.25
C LEU A 174 17.43 10.33 -19.18
N VAL A 175 18.39 10.61 -20.06
CA VAL A 175 18.73 12.01 -20.30
C VAL A 175 18.00 12.41 -21.56
N LYS A 176 17.20 13.47 -21.47
CA LYS A 176 16.49 14.02 -22.62
C LYS A 176 16.89 15.49 -22.72
N ASN A 177 17.35 15.88 -23.91
CA ASN A 177 18.04 17.17 -24.18
C ASN A 177 19.06 17.59 -23.11
N GLY A 178 19.94 16.67 -22.75
CA GLY A 178 21.05 16.99 -21.86
C GLY A 178 20.64 17.16 -20.41
N VAL A 179 19.41 16.79 -20.07
CA VAL A 179 18.96 16.82 -18.68
C VAL A 179 18.56 15.43 -18.25
N ALA A 180 18.71 15.15 -16.97
CA ALA A 180 18.31 13.86 -16.42
C ALA A 180 16.84 13.88 -16.01
N HIS A 181 16.12 12.80 -16.35
CA HIS A 181 14.68 12.61 -16.02
C HIS A 181 14.33 11.28 -15.36
N TYR A 182 13.46 11.33 -14.35
CA TYR A 182 12.62 10.15 -14.02
C TYR A 182 11.35 10.33 -14.86
N LYS A 183 11.12 9.46 -15.80
CA LYS A 183 9.97 9.60 -16.63
C LYS A 183 9.96 10.94 -17.31
N ASP A 184 8.94 11.74 -17.10
CA ASP A 184 8.92 13.07 -17.66
C ASP A 184 9.30 14.16 -16.69
N ALA A 185 9.75 13.79 -15.52
CA ALA A 185 10.04 14.70 -14.45
C ALA A 185 11.54 14.81 -14.25
N LYS A 186 12.06 16.02 -14.39
CA LYS A 186 13.50 16.32 -14.30
C LYS A 186 14.09 16.18 -12.93
N TRP A 187 15.37 15.81 -12.87
CA TRP A 187 16.08 15.70 -11.62
C TRP A 187 16.55 17.06 -11.24
N LEU A 188 16.38 17.41 -9.94
CA LEU A 188 16.67 18.75 -9.45
C LEU A 188 17.69 18.79 -8.29
N SER A 189 18.52 19.82 -8.27
CA SER A 189 19.50 20.02 -7.20
C SER A 189 19.14 21.34 -6.61
N SER A 190 19.92 21.77 -5.61
CA SER A 190 19.73 23.07 -4.99
C SER A 190 20.07 24.19 -5.93
N LYS A 191 20.73 23.88 -7.03
CA LYS A 191 21.13 24.92 -7.98
C LYS A 191 20.68 24.62 -9.39
N GLY A 192 19.69 23.75 -9.55
CA GLY A 192 19.08 23.51 -10.83
C GLY A 192 19.21 22.08 -11.33
N GLU A 193 18.67 21.87 -12.52
CA GLU A 193 18.55 20.57 -13.13
C GLU A 193 19.90 19.86 -13.37
N ILE A 194 19.85 18.52 -13.29
CA ILE A 194 21.02 17.68 -13.44
C ILE A 194 21.27 17.55 -14.94
N THR A 195 22.50 17.85 -15.35
CA THR A 195 22.90 17.83 -16.76
C THR A 195 23.80 16.63 -17.13
N CYS A 196 23.81 16.32 -18.40
CA CYS A 196 24.67 15.27 -18.93
C CYS A 196 25.15 15.76 -20.27
N PRO A 197 26.47 15.60 -20.53
CA PRO A 197 27.02 16.15 -21.80
C PRO A 197 26.46 15.48 -23.07
N LEU A 198 25.79 14.35 -22.92
CA LEU A 198 25.14 13.67 -24.04
C LEU A 198 23.80 14.33 -24.31
N GLU A 199 23.31 14.23 -25.54
CA GLU A 199 22.06 14.89 -25.92
C GLU A 199 20.93 13.98 -25.44
N GLN A 200 20.94 12.75 -25.95
CA GLN A 200 20.05 11.67 -25.48
C GLN A 200 20.88 10.63 -24.73
N GLY A 201 20.23 9.63 -24.12
CA GLY A 201 20.95 8.59 -23.35
C GLY A 201 20.15 7.87 -22.25
N THR A 202 20.70 6.77 -21.73
CA THR A 202 20.13 5.98 -20.66
C THR A 202 21.01 5.94 -19.40
N ILE A 203 20.40 5.79 -18.24
CA ILE A 203 21.05 6.08 -16.97
C ILE A 203 21.38 4.77 -16.30
N SER A 204 22.63 4.64 -15.88
CA SER A 204 23.06 3.50 -15.15
C SER A 204 23.95 3.96 -14.01
N LEU B 40 -11.92 3.52 -16.14
CA LEU B 40 -10.58 3.83 -16.75
C LEU B 40 -9.54 2.73 -16.48
N ASP B 41 -9.35 2.39 -15.21
CA ASP B 41 -8.59 1.19 -14.85
C ASP B 41 -9.41 -0.06 -15.12
N ASP B 42 -9.56 -0.45 -16.39
CA ASP B 42 -10.33 -1.64 -16.81
C ASP B 42 -9.62 -2.35 -17.97
N ILE B 43 -9.16 -3.55 -17.67
CA ILE B 43 -8.31 -4.29 -18.57
C ILE B 43 -9.12 -4.74 -19.78
N THR B 44 -10.42 -4.92 -19.58
CA THR B 44 -11.27 -5.52 -20.62
C THR B 44 -11.38 -4.59 -21.77
N ARG B 45 -10.97 -3.34 -21.55
CA ARG B 45 -11.04 -2.30 -22.55
C ARG B 45 -9.90 -2.28 -23.58
N LEU B 46 -8.90 -3.13 -23.36
CA LEU B 46 -7.69 -3.16 -24.21
C LEU B 46 -7.89 -4.27 -25.18
N ASN B 47 -7.58 -4.04 -26.46
CA ASN B 47 -7.55 -5.14 -27.44
C ASN B 47 -6.14 -5.60 -27.76
N ILE B 48 -5.73 -6.61 -27.01
CA ILE B 48 -4.41 -7.18 -27.02
C ILE B 48 -4.52 -8.48 -27.82
N ILE B 49 -3.94 -8.47 -29.02
CA ILE B 49 -4.00 -9.65 -29.91
C ILE B 49 -2.61 -10.16 -30.43
N VAL B 50 -2.55 -11.42 -30.83
CA VAL B 50 -1.34 -12.00 -31.30
C VAL B 50 -1.09 -11.48 -32.70
N GLY B 51 0.15 -11.08 -32.94
CA GLY B 51 0.60 -10.75 -34.26
C GLY B 51 1.85 -11.55 -34.63
N TYR B 52 2.09 -11.66 -35.94
CA TYR B 52 3.30 -12.30 -36.51
C TYR B 52 4.06 -11.26 -37.29
N VAL B 53 5.35 -11.10 -36.94
CA VAL B 53 6.16 -10.06 -37.56
C VAL B 53 6.70 -10.51 -38.91
N GLU B 54 6.20 -9.91 -39.98
CA GLU B 54 6.58 -10.32 -41.30
C GLU B 54 7.84 -9.60 -41.82
N GLU B 55 8.12 -8.40 -41.29
CA GLU B 55 9.27 -7.60 -41.76
C GLU B 55 9.75 -6.67 -40.67
N VAL B 56 11.06 -6.45 -40.67
CA VAL B 56 11.72 -5.47 -39.81
C VAL B 56 12.55 -4.55 -40.73
N GLU B 57 12.37 -3.25 -40.64
CA GLU B 57 13.08 -2.30 -41.46
C GLU B 57 13.37 -1.01 -40.72
N ILE B 58 14.39 -0.28 -41.12
CA ILE B 58 14.84 0.91 -40.43
C ILE B 58 13.84 1.99 -40.78
N HIS B 59 13.70 2.97 -39.90
CA HIS B 59 12.97 4.17 -40.26
C HIS B 59 14.00 5.21 -40.78
N PRO B 60 13.77 5.72 -42.02
CA PRO B 60 14.62 6.69 -42.72
C PRO B 60 14.83 8.02 -42.00
N ASP B 61 13.79 8.55 -41.36
CA ASP B 61 13.91 9.72 -40.49
C ASP B 61 13.81 9.41 -39.01
N ALA B 62 14.21 8.21 -38.59
CA ALA B 62 14.15 7.90 -37.18
C ALA B 62 15.16 6.85 -36.80
N ASP B 63 16.08 7.29 -35.96
CA ASP B 63 17.15 6.49 -35.42
C ASP B 63 16.76 5.67 -34.19
N THR B 64 15.54 5.79 -33.68
CA THR B 64 15.09 4.88 -32.59
C THR B 64 13.97 3.90 -32.97
N LEU B 65 13.34 4.09 -34.12
CA LEU B 65 12.24 3.25 -34.59
C LEU B 65 12.58 2.26 -35.73
N TYR B 66 12.35 0.96 -35.54
CA TYR B 66 12.10 0.07 -36.69
C TYR B 66 10.66 0.19 -37.21
N CYS B 67 10.50 0.08 -38.53
CA CYS B 67 9.18 -0.07 -39.15
C CYS B 67 8.90 -1.53 -39.30
N LEU B 68 7.86 -1.98 -38.60
CA LEU B 68 7.48 -3.40 -38.61
C LEU B 68 6.16 -3.61 -39.35
N LYS B 69 6.09 -4.73 -40.06
CA LYS B 69 4.89 -5.13 -40.76
C LYS B 69 4.44 -6.35 -39.96
N ILE B 70 3.27 -6.29 -39.36
CA ILE B 70 2.85 -7.36 -38.46
C ILE B 70 1.50 -7.92 -38.89
N ASN B 71 1.38 -9.24 -38.94
CA ASN B 71 0.11 -9.90 -39.30
C ASN B 71 -0.66 -10.18 -38.03
N VAL B 72 -1.84 -9.58 -37.97
CA VAL B 72 -2.65 -9.66 -36.80
C VAL B 72 -4.05 -10.25 -37.17
N GLY B 73 -4.15 -10.89 -38.32
CA GLY B 73 -5.32 -11.67 -38.63
C GLY B 73 -6.28 -11.02 -39.58
N GLU B 74 -5.90 -9.82 -40.05
CA GLU B 74 -6.71 -8.97 -40.91
C GLU B 74 -6.30 -9.24 -42.36
N GLU B 75 -6.84 -8.45 -43.29
CA GLU B 75 -6.64 -8.63 -44.72
C GLU B 75 -5.27 -8.20 -45.16
N LYS B 76 -4.76 -7.15 -44.55
CA LYS B 76 -3.43 -6.71 -44.81
C LYS B 76 -2.75 -6.61 -43.47
N SER B 77 -1.52 -7.08 -43.40
CA SER B 77 -0.75 -6.98 -42.17
C SER B 77 -0.47 -5.49 -41.95
N ARG B 78 -0.34 -5.09 -40.69
CA ARG B 78 -0.31 -3.69 -40.32
C ARG B 78 1.10 -3.18 -40.39
N ASP B 79 1.22 -1.88 -40.59
CA ASP B 79 2.43 -1.12 -40.39
C ASP B 79 2.44 -0.61 -38.97
N ILE B 80 3.33 -1.13 -38.13
CA ILE B 80 3.53 -0.62 -36.77
C ILE B 80 5.02 -0.24 -36.54
N CYS B 81 5.27 0.93 -35.95
CA CYS B 81 6.62 1.34 -35.53
C CYS B 81 6.90 0.87 -34.10
N SER B 82 8.18 0.91 -33.70
CA SER B 82 8.66 0.40 -32.42
C SER B 82 10.09 0.91 -32.08
N GLY B 83 10.22 1.34 -30.81
CA GLY B 83 11.38 2.05 -30.26
C GLY B 83 12.36 1.09 -29.64
N LEU B 84 12.83 0.19 -30.50
CA LEU B 84 13.65 -0.93 -30.15
C LEU B 84 14.91 -1.02 -31.02
N ARG B 85 15.17 -0.03 -31.88
CA ARG B 85 16.40 -0.05 -32.70
C ARG B 85 17.65 -0.04 -31.84
N LEU B 86 17.71 0.85 -30.85
CA LEU B 86 18.90 1.00 -30.01
C LEU B 86 19.19 -0.14 -29.02
N LYS B 87 18.25 -1.05 -28.78
CA LYS B 87 18.51 -2.20 -27.89
C LYS B 87 18.20 -3.56 -28.49
N LYS B 88 17.77 -3.57 -29.75
CA LYS B 88 17.49 -4.83 -30.40
C LYS B 88 17.93 -4.87 -31.85
N ASN B 89 18.33 -6.05 -32.29
CA ASN B 89 18.61 -6.34 -33.66
C ASN B 89 17.38 -6.86 -34.38
N SER B 90 17.34 -6.63 -35.68
CA SER B 90 16.24 -7.09 -36.51
C SER B 90 15.89 -8.54 -36.27
N GLU B 91 16.88 -9.41 -36.15
CA GLU B 91 16.55 -10.82 -36.02
C GLU B 91 15.93 -11.15 -34.66
N ASP B 92 15.99 -10.21 -33.71
CA ASP B 92 15.34 -10.42 -32.43
C ASP B 92 13.80 -10.27 -32.46
N LEU B 93 13.30 -9.73 -33.57
CA LEU B 93 11.95 -9.32 -33.77
C LEU B 93 11.34 -10.08 -34.96
N LEU B 94 12.15 -10.41 -35.98
CA LEU B 94 11.60 -10.87 -37.24
C LEU B 94 10.98 -12.24 -37.04
N HIS B 95 9.81 -12.46 -37.64
CA HIS B 95 9.23 -13.78 -37.62
C HIS B 95 8.89 -14.27 -36.21
N LYS B 96 8.86 -13.37 -35.22
CA LYS B 96 8.47 -13.72 -33.86
C LYS B 96 6.99 -13.49 -33.75
N TYR B 97 6.37 -14.20 -32.81
CA TYR B 97 4.96 -14.00 -32.45
C TYR B 97 4.97 -13.01 -31.31
N VAL B 98 4.30 -11.89 -31.49
CA VAL B 98 4.29 -10.82 -30.50
C VAL B 98 2.84 -10.40 -30.09
N LEU B 99 2.78 -9.52 -29.10
CA LEU B 99 1.50 -9.03 -28.62
C LEU B 99 1.34 -7.63 -28.99
N VAL B 100 0.23 -7.38 -29.67
CA VAL B 100 -0.09 -6.07 -30.20
C VAL B 100 -1.34 -5.50 -29.51
N LEU B 101 -1.24 -4.28 -28.98
CA LEU B 101 -2.38 -3.53 -28.50
C LEU B 101 -3.00 -2.92 -29.75
N ALA B 102 -4.15 -3.46 -30.20
CA ALA B 102 -4.60 -3.26 -31.60
C ALA B 102 -5.52 -2.09 -31.77
N ASN B 103 -6.20 -1.71 -30.69
CA ASN B 103 -7.24 -0.71 -30.74
C ASN B 103 -6.76 0.74 -30.53
N LEU B 104 -5.44 0.97 -30.54
CA LEU B 104 -4.95 2.35 -30.57
C LEU B 104 -5.31 2.91 -31.94
N LYS B 105 -5.54 4.23 -32.03
CA LYS B 105 -5.80 4.83 -33.32
C LYS B 105 -4.51 4.84 -34.14
N GLU B 106 -4.63 4.74 -35.47
CA GLU B 106 -3.48 4.96 -36.37
C GLU B 106 -2.85 6.35 -36.13
N LYS B 107 -1.54 6.37 -35.91
CA LYS B 107 -0.72 7.57 -35.79
C LYS B 107 0.30 7.60 -36.96
N SER B 108 0.90 8.76 -37.20
CA SER B 108 1.92 8.87 -38.23
C SER B 108 3.15 9.54 -37.65
N LEU B 109 4.22 8.78 -37.42
CA LEU B 109 5.48 9.34 -36.93
C LEU B 109 6.53 9.44 -38.05
N ARG B 110 6.96 10.69 -38.29
CA ARG B 110 7.82 11.07 -39.40
C ARG B 110 7.16 10.67 -40.70
N GLY B 111 7.86 9.94 -41.57
CA GLY B 111 7.26 9.48 -42.78
C GLY B 111 6.17 8.46 -42.54
N ARG B 112 6.28 7.65 -41.49
CA ARG B 112 5.55 6.37 -41.46
C ARG B 112 4.40 6.29 -40.50
N LYS B 113 3.33 5.71 -41.06
CA LYS B 113 2.17 5.23 -40.37
C LYS B 113 2.53 4.16 -39.36
N SER B 114 1.67 4.06 -38.35
CA SER B 114 1.84 3.22 -37.21
C SER B 114 0.48 2.99 -36.53
N HIS B 115 -0.01 1.75 -36.53
CA HIS B 115 -1.37 1.42 -36.07
C HIS B 115 -1.30 0.27 -35.11
N GLY B 116 -0.94 0.59 -33.87
CA GLY B 116 -0.87 -0.40 -32.85
C GLY B 116 0.43 -0.22 -32.15
N MET B 117 0.73 -1.11 -31.24
CA MET B 117 1.94 -0.94 -30.44
C MET B 117 2.37 -2.32 -29.95
N VAL B 118 3.68 -2.64 -30.04
CA VAL B 118 4.19 -3.98 -29.66
C VAL B 118 4.54 -3.97 -28.19
N LEU B 119 4.02 -4.90 -27.41
CA LEU B 119 4.21 -4.88 -25.96
C LEU B 119 5.46 -5.52 -25.49
N CYS B 120 6.09 -4.90 -24.51
CA CYS B 120 7.40 -5.36 -24.00
C CYS B 120 7.48 -5.34 -22.47
N GLY B 121 8.28 -6.24 -21.92
CA GLY B 121 8.64 -6.14 -20.50
C GLY B 121 9.99 -5.47 -20.37
N SER B 122 10.17 -4.71 -19.30
CA SER B 122 11.44 -4.01 -19.12
C SER B 122 11.96 -4.20 -17.73
N PHE B 123 13.27 -4.21 -17.62
CA PHE B 123 13.94 -4.39 -16.34
C PHE B 123 15.40 -4.01 -16.53
N GLY B 124 15.99 -3.33 -15.55
CA GLY B 124 17.35 -2.87 -15.62
C GLY B 124 17.53 -2.05 -16.86
N GLU B 125 18.48 -2.45 -17.70
CA GLU B 125 18.82 -1.78 -18.95
C GLU B 125 18.38 -2.69 -20.11
N GLN B 126 17.56 -3.70 -19.80
CA GLN B 126 17.19 -4.74 -20.74
C GLN B 126 15.80 -4.51 -21.16
N ILE B 127 15.45 -4.92 -22.36
CA ILE B 127 14.07 -4.84 -22.80
C ILE B 127 13.73 -6.00 -23.70
N GLU B 128 12.67 -6.77 -23.40
CA GLU B 128 12.34 -7.96 -24.20
C GLU B 128 10.85 -7.99 -24.59
N LEU B 129 10.57 -8.75 -25.63
CA LEU B 129 9.26 -8.85 -26.18
C LEU B 129 8.47 -9.71 -25.24
N LEU B 130 7.22 -9.36 -25.06
CA LEU B 130 6.29 -10.31 -24.49
C LEU B 130 6.05 -11.40 -25.51
N ALA B 131 5.84 -12.61 -25.05
CA ALA B 131 5.80 -13.80 -25.93
C ALA B 131 4.60 -14.71 -25.69
N PRO B 132 3.83 -15.02 -26.77
CA PRO B 132 2.86 -16.11 -26.63
C PRO B 132 3.60 -17.41 -26.82
N PRO B 133 3.12 -18.51 -26.22
CA PRO B 133 3.63 -19.80 -26.56
C PRO B 133 3.35 -20.14 -28.03
N ASP B 134 4.10 -21.09 -28.56
CA ASP B 134 3.96 -21.46 -29.96
C ASP B 134 2.55 -22.02 -30.15
N GLY B 135 2.01 -21.96 -31.36
CA GLY B 135 0.73 -22.61 -31.67
C GLY B 135 -0.49 -21.70 -31.68
N VAL B 136 -0.32 -20.48 -31.19
CA VAL B 136 -1.40 -19.52 -31.18
C VAL B 136 -1.67 -19.07 -32.58
N ASN B 137 -2.91 -18.59 -32.80
CA ASN B 137 -3.24 -17.97 -34.04
C ASN B 137 -3.16 -16.45 -33.95
N VAL B 138 -2.88 -15.88 -35.12
CA VAL B 138 -2.76 -14.46 -35.28
C VAL B 138 -4.16 -13.89 -35.13
N GLY B 139 -4.29 -12.83 -34.34
CA GLY B 139 -5.60 -12.18 -34.20
C GLY B 139 -6.34 -12.49 -32.90
N GLU B 140 -6.00 -13.61 -32.26
CA GLU B 140 -6.68 -14.01 -31.02
C GLU B 140 -6.46 -13.03 -29.90
N ARG B 141 -7.47 -12.90 -29.05
CA ARG B 141 -7.44 -11.93 -28.01
C ARG B 141 -6.79 -12.54 -26.77
N ILE B 142 -5.75 -11.89 -26.28
CA ILE B 142 -5.20 -12.25 -24.98
C ILE B 142 -6.07 -11.73 -23.81
N ILE B 143 -6.51 -12.65 -22.96
CA ILE B 143 -7.38 -12.35 -21.80
C ILE B 143 -6.69 -12.65 -20.49
N CYS B 144 -7.12 -11.98 -19.43
CA CYS B 144 -6.72 -12.35 -18.07
C CYS B 144 -7.36 -13.62 -17.55
N GLU B 145 -6.85 -14.10 -16.43
CA GLU B 145 -7.47 -15.19 -15.71
C GLU B 145 -8.83 -14.67 -15.28
N ASN B 146 -9.88 -15.42 -15.65
CA ASN B 146 -11.27 -15.14 -15.25
C ASN B 146 -11.83 -13.81 -15.74
N MET B 147 -11.33 -13.34 -16.89
CA MET B 147 -11.91 -12.15 -17.51
C MET B 147 -12.97 -12.67 -18.46
N ASP B 148 -14.05 -11.92 -18.59
CA ASP B 148 -15.18 -12.33 -19.36
C ASP B 148 -14.93 -12.04 -20.82
N VAL B 149 -14.95 -13.07 -21.65
CA VAL B 149 -14.68 -12.94 -23.08
C VAL B 149 -15.68 -12.01 -23.79
N ASN B 150 -16.85 -11.78 -23.22
CA ASN B 150 -17.85 -10.89 -23.84
C ASN B 150 -17.72 -9.42 -23.51
N LYS B 151 -16.78 -9.09 -22.62
CA LYS B 151 -16.52 -7.72 -22.29
C LYS B 151 -15.53 -7.07 -23.28
N LEU B 152 -16.11 -6.51 -24.34
CA LEU B 152 -15.34 -6.15 -25.50
C LEU B 152 -14.38 -5.01 -25.12
N PRO B 153 -13.27 -4.85 -25.87
CA PRO B 153 -12.43 -3.66 -25.71
C PRO B 153 -13.06 -2.46 -26.41
N ASP B 154 -12.63 -1.25 -26.09
CA ASP B 154 -13.10 -0.08 -26.84
C ASP B 154 -12.76 -0.28 -28.30
N LYS B 155 -13.71 0.03 -29.18
CA LYS B 155 -13.49 -0.01 -30.62
C LYS B 155 -12.26 0.83 -30.98
N THR B 156 -11.97 1.84 -30.16
CA THR B 156 -10.81 2.67 -30.31
C THR B 156 -10.47 3.52 -29.08
N LEU B 157 -9.22 3.46 -28.64
CA LEU B 157 -8.78 4.24 -27.52
C LEU B 157 -8.49 5.68 -27.92
N SER B 158 -8.56 6.56 -26.95
CA SER B 158 -8.48 8.00 -27.19
C SER B 158 -7.05 8.43 -27.58
N PHE B 159 -6.91 9.51 -28.34
CA PHE B 159 -5.56 10.09 -28.55
C PHE B 159 -5.00 10.62 -27.22
N ASP B 160 -5.88 11.04 -26.33
CA ASP B 160 -5.49 11.75 -25.11
C ASP B 160 -4.94 10.76 -24.08
N LYS B 161 -3.74 11.01 -23.58
CA LYS B 161 -3.08 10.04 -22.69
C LYS B 161 -3.90 9.81 -21.42
N GLU B 162 -4.19 10.88 -20.69
CA GLU B 162 -5.00 10.76 -19.47
C GLU B 162 -6.34 10.08 -19.68
N LYS B 163 -6.88 10.19 -20.88
CA LYS B 163 -8.20 9.66 -21.17
C LYS B 163 -8.12 8.23 -21.66
N ASN B 164 -6.89 7.72 -21.81
CA ASN B 164 -6.63 6.42 -22.43
C ASN B 164 -6.42 5.34 -21.38
N PRO B 165 -7.36 4.40 -21.27
CA PRO B 165 -7.25 3.35 -20.29
C PRO B 165 -5.87 2.75 -20.19
N PHE B 166 -5.18 2.56 -21.33
CA PHE B 166 -3.88 1.90 -21.30
C PHE B 166 -2.93 2.51 -20.25
N PHE B 167 -2.77 3.83 -20.26
CA PHE B 167 -1.83 4.52 -19.40
C PHE B 167 -2.25 4.48 -17.97
N HIS B 168 -3.54 4.31 -17.71
CA HIS B 168 -4.02 4.21 -16.34
C HIS B 168 -3.90 2.80 -15.85
N ILE B 169 -3.90 1.84 -16.79
CA ILE B 169 -3.78 0.39 -16.49
C ILE B 169 -2.34 -0.05 -16.31
N GLN B 170 -1.44 0.67 -16.97
CA GLN B 170 0.00 0.36 -17.10
C GLN B 170 0.75 0.02 -15.84
N PRO B 171 0.64 0.87 -14.79
CA PRO B 171 1.45 0.59 -13.58
C PRO B 171 1.12 -0.74 -12.89
N HIS B 172 0.04 -1.38 -13.31
CA HIS B 172 -0.33 -2.66 -12.79
C HIS B 172 -0.07 -3.79 -13.77
N LEU B 173 0.46 -3.47 -14.96
CA LEU B 173 0.93 -4.50 -15.92
C LEU B 173 2.42 -4.81 -15.65
N LEU B 174 2.69 -6.03 -15.22
CA LEU B 174 3.97 -6.41 -14.67
C LEU B 174 4.32 -7.81 -15.15
N VAL B 175 5.61 -8.09 -15.30
CA VAL B 175 6.03 -9.46 -15.56
C VAL B 175 6.53 -9.91 -14.21
N LYS B 176 6.05 -11.06 -13.77
CA LYS B 176 6.36 -11.61 -12.44
C LYS B 176 6.61 -13.07 -12.64
N ASN B 177 7.71 -13.55 -12.08
CA ASN B 177 8.16 -14.89 -12.35
C ASN B 177 8.01 -15.32 -13.81
N GLY B 178 8.36 -14.42 -14.72
CA GLY B 178 8.51 -14.77 -16.12
C GLY B 178 7.23 -14.60 -16.91
N VAL B 179 6.13 -14.25 -16.21
CA VAL B 179 4.81 -14.30 -16.78
C VAL B 179 4.18 -12.92 -16.76
N ALA B 180 3.39 -12.59 -17.77
CA ALA B 180 2.74 -11.28 -17.85
C ALA B 180 1.44 -11.22 -17.00
N HIS B 181 1.31 -10.16 -16.19
CA HIS B 181 0.15 -9.93 -15.28
C HIS B 181 -0.53 -8.58 -15.49
N TYR B 182 -1.82 -8.57 -15.21
CA TYR B 182 -2.60 -7.37 -15.04
C TYR B 182 -2.94 -7.54 -13.58
N LYS B 183 -2.43 -6.73 -12.69
CA LYS B 183 -2.66 -6.90 -11.27
C LYS B 183 -2.27 -8.31 -10.84
N ASP B 184 -3.19 -9.07 -10.25
CA ASP B 184 -2.88 -10.41 -9.86
C ASP B 184 -3.16 -11.50 -10.85
N ALA B 185 -3.78 -11.20 -11.96
CA ALA B 185 -4.14 -12.22 -12.89
C ALA B 185 -3.31 -12.34 -14.13
N LYS B 186 -2.95 -13.53 -14.46
CA LYS B 186 -2.09 -13.75 -15.61
C LYS B 186 -2.77 -13.53 -16.96
N TRP B 187 -1.98 -13.15 -17.96
CA TRP B 187 -2.47 -13.02 -19.33
C TRP B 187 -2.49 -14.38 -19.97
N LEU B 188 -3.58 -14.72 -20.67
CA LEU B 188 -3.72 -16.07 -21.20
C LEU B 188 -4.03 -16.09 -22.67
N SER B 189 -3.56 -17.09 -23.31
CA SER B 189 -3.79 -17.38 -24.69
C SER B 189 -4.30 -18.78 -24.81
N SER B 190 -4.66 -19.16 -26.01
CA SER B 190 -5.12 -20.50 -26.28
C SER B 190 -4.12 -21.61 -25.93
N LYS B 191 -2.83 -21.37 -25.90
CA LYS B 191 -1.86 -22.29 -25.50
C LYS B 191 -1.23 -21.99 -24.17
N GLY B 192 -1.85 -21.22 -23.28
CA GLY B 192 -1.21 -20.94 -22.01
C GLY B 192 -0.77 -19.51 -21.84
N GLU B 193 -0.12 -19.33 -20.69
CA GLU B 193 0.31 -18.03 -20.22
C GLU B 193 1.30 -17.30 -21.12
N ILE B 194 1.26 -15.97 -21.05
CA ILE B 194 2.19 -15.12 -21.78
C ILE B 194 3.49 -14.96 -20.98
N THR B 195 4.61 -15.23 -21.67
CA THR B 195 5.94 -15.23 -21.07
C THR B 195 6.81 -14.06 -21.54
N CYS B 196 7.86 -13.82 -20.77
CA CYS B 196 8.90 -12.88 -21.09
C CYS B 196 10.23 -13.48 -20.61
N PRO B 197 11.29 -13.38 -21.42
CA PRO B 197 12.55 -13.94 -20.88
C PRO B 197 13.01 -13.31 -19.55
N LEU B 198 12.62 -12.08 -19.27
CA LEU B 198 12.97 -11.43 -18.00
C LEU B 198 12.10 -12.02 -16.93
N GLU B 199 12.66 -12.22 -15.74
CA GLU B 199 11.90 -12.76 -14.62
C GLU B 199 10.98 -11.70 -14.02
N GLN B 200 11.52 -10.50 -13.80
CA GLN B 200 10.74 -9.38 -13.26
C GLN B 200 10.77 -8.26 -14.25
N GLY B 201 9.86 -7.29 -14.06
CA GLY B 201 9.87 -6.07 -14.82
C GLY B 201 8.50 -5.53 -15.14
N THR B 202 8.47 -4.41 -15.85
CA THR B 202 7.26 -3.67 -16.20
C THR B 202 6.91 -3.78 -17.69
N ILE B 203 5.64 -3.73 -18.03
CA ILE B 203 5.19 -3.91 -19.39
C ILE B 203 4.94 -2.57 -20.06
N SER B 204 5.25 -2.48 -21.36
CA SER B 204 5.26 -1.21 -22.10
C SER B 204 4.78 -1.42 -23.52
N LEU C 40 3.68 1.67 37.07
CA LEU C 40 2.94 0.87 36.01
C LEU C 40 1.94 1.70 35.19
N ASP C 41 1.15 2.52 35.87
CA ASP C 41 0.43 3.58 35.19
C ASP C 41 1.35 4.79 35.06
N ASP C 42 2.18 4.75 34.03
CA ASP C 42 3.28 5.72 33.91
C ASP C 42 3.72 5.82 32.48
N ILE C 43 3.38 6.95 31.87
CA ILE C 43 3.53 7.17 30.45
C ILE C 43 5.01 7.17 30.02
N THR C 44 5.89 7.65 30.88
CA THR C 44 7.34 7.73 30.64
C THR C 44 8.01 6.39 30.38
N ARG C 45 7.41 5.31 30.83
CA ARG C 45 7.90 3.98 30.53
C ARG C 45 7.79 3.60 29.04
N LEU C 46 7.00 4.35 28.28
CA LEU C 46 6.77 3.99 26.92
C LEU C 46 7.75 4.67 25.96
N ASN C 47 8.24 3.91 24.98
CA ASN C 47 8.98 4.52 23.86
C ASN C 47 8.14 4.57 22.60
N ILE C 48 7.49 5.71 22.39
CA ILE C 48 6.60 5.95 21.24
C ILE C 48 7.37 6.87 20.33
N ILE C 49 7.73 6.39 19.14
CA ILE C 49 8.61 7.12 18.25
C ILE C 49 8.08 7.05 16.82
N VAL C 50 8.32 8.11 16.06
CA VAL C 50 7.91 8.22 14.65
C VAL C 50 8.67 7.26 13.75
N GLY C 51 7.95 6.72 12.79
CA GLY C 51 8.46 5.74 11.86
C GLY C 51 7.88 6.07 10.49
N TYR C 52 8.55 5.70 9.41
CA TYR C 52 8.04 6.02 8.07
C TYR C 52 7.92 4.72 7.41
N VAL C 53 6.80 4.50 6.73
CA VAL C 53 6.45 3.18 6.21
C VAL C 53 6.97 3.01 4.76
N GLU C 54 7.90 2.08 4.59
CA GLU C 54 8.61 1.84 3.31
C GLU C 54 7.85 0.86 2.43
N GLU C 55 7.39 -0.24 3.03
CA GLU C 55 6.49 -1.14 2.35
C GLU C 55 5.47 -1.84 3.25
N VAL C 56 4.31 -2.08 2.63
CA VAL C 56 3.19 -2.86 3.12
C VAL C 56 3.08 -4.16 2.29
N GLU C 57 3.08 -5.27 3.01
CA GLU C 57 2.91 -6.58 2.41
C GLU C 57 1.93 -7.49 3.20
N ILE C 58 1.16 -8.25 2.41
CA ILE C 58 0.25 -9.34 2.83
C ILE C 58 1.01 -10.37 3.67
N HIS C 59 0.54 -10.69 4.86
CA HIS C 59 1.10 -11.83 5.59
C HIS C 59 0.44 -13.04 4.96
N PRO C 60 1.23 -14.02 4.50
CA PRO C 60 0.68 -15.15 3.73
C PRO C 60 -0.10 -16.19 4.55
N ASP C 61 0.45 -16.59 5.72
CA ASP C 61 -0.27 -17.43 6.73
C ASP C 61 -1.02 -16.63 7.83
N ALA C 62 -1.52 -15.44 7.54
CA ALA C 62 -2.28 -14.69 8.52
C ALA C 62 -3.14 -13.62 7.90
N ASP C 63 -4.41 -13.93 7.66
CA ASP C 63 -5.36 -13.09 6.97
C ASP C 63 -5.64 -11.72 7.51
N THR C 64 -5.42 -11.51 8.77
CA THR C 64 -5.62 -10.21 9.36
C THR C 64 -4.39 -9.31 9.41
N LEU C 65 -3.23 -9.84 9.19
CA LEU C 65 -2.03 -9.06 9.42
C LEU C 65 -1.41 -8.51 8.11
N TYR C 66 -0.93 -7.26 8.16
CA TYR C 66 -0.08 -6.72 7.11
C TYR C 66 1.30 -6.80 7.68
N CYS C 67 2.29 -7.24 6.89
CA CYS C 67 3.70 -7.13 7.31
C CYS C 67 4.26 -5.85 6.75
N LEU C 68 4.65 -4.98 7.64
CA LEU C 68 5.16 -3.68 7.24
C LEU C 68 6.62 -3.55 7.57
N LYS C 69 7.27 -2.70 6.78
CA LYS C 69 8.67 -2.36 6.99
C LYS C 69 8.65 -0.93 7.42
N ILE C 70 9.18 -0.62 8.60
CA ILE C 70 9.06 0.74 9.18
C ILE C 70 10.41 1.30 9.51
N ASN C 71 10.70 2.50 9.01
CA ASN C 71 11.98 3.12 9.26
C ASN C 71 11.81 4.04 10.47
N VAL C 72 12.51 3.69 11.54
CA VAL C 72 12.32 4.35 12.83
C VAL C 72 13.63 4.88 13.35
N GLY C 73 14.56 5.13 12.42
CA GLY C 73 15.82 5.84 12.75
C GLY C 73 16.98 4.97 13.14
N GLU C 74 16.81 3.64 13.04
CA GLU C 74 17.87 2.68 13.33
C GLU C 74 18.62 2.28 12.03
N GLU C 75 19.59 1.36 12.09
CA GLU C 75 20.27 0.90 10.87
C GLU C 75 19.29 0.15 9.91
N LYS C 76 18.58 -0.77 10.48
CA LYS C 76 17.64 -1.50 9.70
C LYS C 76 16.21 -1.11 10.01
N SER C 77 15.47 -0.87 8.97
CA SER C 77 14.09 -0.62 9.11
C SER C 77 13.47 -1.89 9.73
N ARG C 78 12.64 -1.73 10.73
CA ARG C 78 12.00 -2.82 11.42
C ARG C 78 10.89 -3.48 10.72
N ASP C 79 10.64 -4.71 11.08
CA ASP C 79 9.49 -5.40 10.57
C ASP C 79 8.49 -5.42 11.71
N ILE C 80 7.31 -4.88 11.43
CA ILE C 80 6.23 -4.88 12.31
C ILE C 80 4.99 -5.41 11.60
N CYS C 81 4.18 -6.20 12.35
CA CYS C 81 2.88 -6.72 11.90
C CYS C 81 1.74 -5.88 12.46
N SER C 82 0.68 -5.75 11.70
CA SER C 82 -0.37 -4.86 12.08
C SER C 82 -1.68 -5.36 11.51
N GLY C 83 -2.68 -5.52 12.38
CA GLY C 83 -3.95 -6.10 11.97
C GLY C 83 -4.87 -5.05 11.41
N LEU C 84 -4.42 -4.29 10.44
CA LEU C 84 -5.30 -3.29 9.83
C LEU C 84 -5.83 -3.75 8.49
N ARG C 85 -5.47 -4.99 8.11
CA ARG C 85 -5.80 -5.54 6.76
C ARG C 85 -7.29 -5.62 6.39
N LEU C 86 -8.13 -6.15 7.28
CA LEU C 86 -9.56 -6.31 6.94
C LEU C 86 -10.34 -4.99 7.04
N LYS C 87 -9.69 -3.94 7.54
CA LYS C 87 -10.29 -2.60 7.67
C LYS C 87 -9.57 -1.45 6.93
N LYS C 88 -8.35 -1.68 6.43
CA LYS C 88 -7.60 -0.66 5.67
C LYS C 88 -6.93 -1.22 4.43
N ASN C 89 -6.79 -0.37 3.41
CA ASN C 89 -6.03 -0.74 2.19
C ASN C 89 -4.55 -0.40 2.31
N SER C 90 -3.74 -1.15 1.55
CA SER C 90 -2.30 -0.87 1.33
C SER C 90 -1.95 0.64 1.25
N GLU C 91 -2.59 1.36 0.33
CA GLU C 91 -2.33 2.82 0.17
C GLU C 91 -2.65 3.70 1.39
N ASP C 92 -3.30 3.15 2.42
CA ASP C 92 -3.54 3.94 3.59
C ASP C 92 -2.36 3.82 4.54
N LEU C 93 -1.44 2.90 4.26
CA LEU C 93 -0.31 2.65 5.18
C LEU C 93 1.08 3.05 4.57
N LEU C 94 1.23 2.73 3.28
CA LEU C 94 2.44 2.95 2.57
C LEU C 94 2.76 4.43 2.55
N HIS C 95 3.96 4.79 3.00
CA HIS C 95 4.44 6.17 3.03
C HIS C 95 3.70 7.04 4.01
N LYS C 96 3.19 6.46 5.07
CA LYS C 96 2.71 7.29 6.14
C LYS C 96 3.84 7.38 7.15
N TYR C 97 3.93 8.51 7.79
CA TYR C 97 4.60 8.66 9.03
C TYR C 97 3.61 8.29 10.10
N VAL C 98 3.99 7.35 10.96
CA VAL C 98 3.11 6.76 11.93
C VAL C 98 3.82 6.79 13.32
N LEU C 99 3.07 6.44 14.36
CA LEU C 99 3.64 6.26 15.70
C LEU C 99 3.82 4.80 16.03
N VAL C 100 5.04 4.42 16.37
CA VAL C 100 5.35 3.06 16.77
C VAL C 100 5.72 2.94 18.25
N LEU C 101 5.22 1.90 18.89
CA LEU C 101 5.61 1.59 20.26
C LEU C 101 6.82 0.62 20.16
N ALA C 102 7.98 1.14 20.46
CA ALA C 102 9.19 0.52 19.95
C ALA C 102 9.80 -0.33 20.99
N ASN C 103 9.45 -0.16 22.25
CA ASN C 103 10.17 -0.95 23.26
C ASN C 103 9.54 -2.27 23.71
N LEU C 104 8.46 -2.66 23.03
CA LEU C 104 7.91 -4.00 23.11
C LEU C 104 8.98 -4.98 22.67
N LYS C 105 8.90 -6.26 23.07
CA LYS C 105 9.91 -7.23 22.64
C LYS C 105 9.60 -7.79 21.28
N GLU C 106 10.58 -8.32 20.59
CA GLU C 106 10.28 -9.02 19.34
C GLU C 106 9.24 -10.16 19.52
N LYS C 107 8.46 -10.45 18.49
CA LYS C 107 7.44 -11.51 18.52
C LYS C 107 7.25 -12.08 17.13
N SER C 108 7.54 -13.37 16.95
CA SER C 108 7.31 -14.03 15.66
C SER C 108 5.88 -14.55 15.54
N LEU C 109 5.04 -13.72 14.91
CA LEU C 109 3.67 -14.09 14.61
C LEU C 109 3.59 -14.97 13.37
N ARG C 110 3.20 -16.22 13.59
CA ARG C 110 3.05 -17.23 12.54
C ARG C 110 4.15 -17.22 11.49
N GLY C 111 5.39 -17.01 11.93
CA GLY C 111 6.54 -17.13 11.03
C GLY C 111 7.26 -15.83 10.75
N ARG C 112 6.51 -14.76 10.48
CA ARG C 112 7.09 -13.42 10.25
C ARG C 112 7.32 -12.68 11.56
N LYS C 113 8.40 -11.90 11.59
CA LYS C 113 8.79 -11.20 12.82
C LYS C 113 8.13 -9.86 12.91
N SER C 114 7.98 -9.40 14.16
CA SER C 114 7.24 -8.19 14.48
C SER C 114 7.79 -7.55 15.76
N HIS C 115 8.35 -6.36 15.62
CA HIS C 115 9.06 -5.67 16.71
C HIS C 115 8.54 -4.24 16.81
N GLY C 116 7.64 -4.03 17.77
CA GLY C 116 6.96 -2.77 17.94
C GLY C 116 5.54 -2.90 17.39
N MET C 117 4.75 -1.86 17.55
CA MET C 117 3.30 -1.95 17.22
C MET C 117 2.88 -0.58 16.78
N VAL C 118 2.18 -0.51 15.66
CA VAL C 118 1.66 0.78 15.14
C VAL C 118 0.44 1.22 15.90
N LEU C 119 0.46 2.46 16.42
CA LEU C 119 -0.62 2.96 17.27
C LEU C 119 -1.75 3.51 16.41
N CYS C 120 -2.99 3.20 16.79
CA CYS C 120 -4.18 3.69 16.09
C CYS C 120 -5.29 4.20 17.07
N GLY C 121 -6.16 5.04 16.51
CA GLY C 121 -7.43 5.38 17.11
C GLY C 121 -8.54 4.44 16.62
N SER C 122 -9.46 4.13 17.55
CA SER C 122 -10.68 3.38 17.25
C SER C 122 -11.97 4.06 17.78
N PHE C 123 -12.98 4.02 16.94
CA PHE C 123 -14.31 4.50 17.26
C PHE C 123 -15.34 3.85 16.32
N GLY C 124 -16.36 3.25 16.93
CA GLY C 124 -17.41 2.63 16.16
C GLY C 124 -16.86 1.55 15.24
N GLU C 125 -17.10 1.69 13.94
CA GLU C 125 -16.62 0.70 12.95
C GLU C 125 -15.28 1.10 12.32
N GLN C 126 -14.79 2.25 12.72
CA GLN C 126 -13.65 2.88 12.14
C GLN C 126 -12.44 2.70 13.06
N ILE C 127 -11.32 2.36 12.43
CA ILE C 127 -10.00 2.48 13.03
C ILE C 127 -9.12 3.40 12.16
N GLU C 128 -8.24 4.20 12.78
CA GLU C 128 -7.40 5.15 12.04
C GLU C 128 -6.03 5.27 12.67
N LEU C 129 -5.04 5.53 11.83
CA LEU C 129 -3.67 5.74 12.28
C LEU C 129 -3.57 7.06 12.99
N LEU C 130 -2.91 7.08 14.15
CA LEU C 130 -2.45 8.35 14.69
C LEU C 130 -1.38 8.91 13.74
N ALA C 131 -1.34 10.24 13.67
CA ALA C 131 -0.62 10.98 12.64
C ALA C 131 0.20 12.10 13.29
N PRO C 132 1.53 12.06 13.12
CA PRO C 132 2.31 13.18 13.59
C PRO C 132 2.25 14.21 12.48
N PRO C 133 2.34 15.49 12.80
CA PRO C 133 2.22 16.41 11.70
C PRO C 133 3.48 16.29 10.80
N ASP C 134 3.37 16.81 9.59
CA ASP C 134 4.50 16.80 8.66
C ASP C 134 5.70 17.60 9.14
N GLY C 135 6.88 17.12 8.78
CA GLY C 135 8.13 17.76 9.18
C GLY C 135 8.88 17.02 10.26
N VAL C 136 8.37 15.86 10.64
CA VAL C 136 8.95 15.20 11.78
C VAL C 136 9.97 14.22 11.29
N ASN C 137 10.92 13.95 12.18
CA ASN C 137 12.02 13.08 11.92
C ASN C 137 11.83 11.72 12.52
N VAL C 138 12.12 10.71 11.71
CA VAL C 138 11.94 9.33 12.14
C VAL C 138 12.78 9.09 13.36
N GLY C 139 12.34 8.19 14.22
CA GLY C 139 13.02 8.00 15.50
C GLY C 139 12.74 9.02 16.61
N GLU C 140 12.01 10.10 16.37
CA GLU C 140 11.85 11.08 17.44
C GLU C 140 10.85 10.61 18.48
N ARG C 141 11.18 10.82 19.77
CA ARG C 141 10.33 10.36 20.87
C ARG C 141 9.10 11.28 21.07
N ILE C 142 7.90 10.69 20.93
CA ILE C 142 6.67 11.43 21.19
C ILE C 142 6.43 11.54 22.71
N ILE C 143 6.21 12.76 23.19
CA ILE C 143 6.02 12.99 24.62
C ILE C 143 4.73 13.78 24.91
N CYS C 144 4.20 13.56 26.11
CA CYS C 144 3.09 14.32 26.68
C CYS C 144 3.46 15.70 27.07
N GLU C 145 2.46 16.57 27.10
CA GLU C 145 2.64 17.86 27.75
C GLU C 145 3.11 17.66 29.17
N ASN C 146 4.14 18.43 29.52
CA ASN C 146 4.70 18.53 30.88
C ASN C 146 5.52 17.33 31.36
N MET C 147 5.70 16.35 30.47
CA MET C 147 6.60 15.22 30.68
C MET C 147 8.08 15.66 30.52
N ASP C 148 8.90 15.32 31.52
CA ASP C 148 10.37 15.45 31.49
C ASP C 148 11.01 14.38 30.59
N VAL C 149 11.67 14.85 29.54
CA VAL C 149 12.30 14.01 28.50
C VAL C 149 13.45 13.10 29.07
N ASN C 150 13.98 13.47 30.25
CA ASN C 150 14.99 12.65 30.95
C ASN C 150 14.42 11.41 31.64
N LYS C 151 13.14 11.09 31.41
CA LYS C 151 12.56 9.92 32.01
C LYS C 151 12.49 8.92 30.91
N LEU C 152 13.40 7.95 30.97
CA LEU C 152 13.69 7.07 29.84
C LEU C 152 12.71 5.97 29.82
N PRO C 153 12.40 5.50 28.61
CA PRO C 153 11.48 4.41 28.57
C PRO C 153 12.22 3.19 29.09
N ASP C 154 11.45 2.13 29.34
CA ASP C 154 12.10 0.92 29.67
C ASP C 154 12.73 0.47 28.38
N LYS C 155 13.86 -0.16 28.58
CA LYS C 155 14.61 -0.82 27.57
C LYS C 155 13.75 -1.89 26.91
N THR C 156 13.17 -2.79 27.70
CA THR C 156 12.16 -3.71 27.18
C THR C 156 10.96 -3.76 28.02
N LEU C 157 9.83 -3.86 27.34
CA LEU C 157 8.56 -3.98 28.04
C LEU C 157 8.31 -5.45 28.02
N SER C 158 7.70 -5.89 29.11
CA SER C 158 7.48 -7.29 29.38
C SER C 158 6.65 -7.99 28.32
N PHE C 159 6.89 -9.30 28.15
CA PHE C 159 6.03 -10.18 27.36
C PHE C 159 4.69 -10.37 28.06
N ASP C 160 4.72 -10.33 29.39
CA ASP C 160 3.51 -10.47 30.23
C ASP C 160 2.64 -9.20 30.07
N LYS C 161 1.41 -9.37 29.66
CA LYS C 161 0.51 -8.29 29.46
C LYS C 161 0.27 -7.60 30.74
N GLU C 162 0.26 -8.30 31.83
CA GLU C 162 -0.02 -7.68 33.08
C GLU C 162 1.19 -7.12 33.74
N LYS C 163 2.34 -7.35 33.15
CA LYS C 163 3.59 -6.78 33.66
C LYS C 163 4.11 -5.67 32.75
N ASN C 164 3.30 -5.34 31.76
CA ASN C 164 3.63 -4.31 30.80
C ASN C 164 2.75 -3.11 31.03
N PRO C 165 3.40 -1.98 31.28
CA PRO C 165 2.75 -0.73 31.52
C PRO C 165 1.82 -0.29 30.45
N PHE C 166 2.09 -0.68 29.19
CA PHE C 166 1.24 -0.22 28.08
C PHE C 166 -0.21 -0.61 28.34
N PHE C 167 -0.41 -1.77 28.96
CA PHE C 167 -1.73 -2.34 29.16
C PHE C 167 -2.48 -1.76 30.36
N HIS C 168 -1.75 -1.29 31.37
CA HIS C 168 -2.29 -0.42 32.43
C HIS C 168 -2.42 1.00 31.91
N ILE C 169 -1.69 1.34 30.87
CA ILE C 169 -1.71 2.72 30.42
C ILE C 169 -2.82 2.83 29.42
N GLN C 170 -3.17 1.74 28.73
CA GLN C 170 -4.08 1.86 27.60
C GLN C 170 -5.38 2.57 27.84
N PRO C 171 -6.08 2.26 28.95
CA PRO C 171 -7.37 2.90 29.27
C PRO C 171 -7.30 4.42 29.28
N HIS C 172 -6.18 4.98 29.71
CA HIS C 172 -6.04 6.44 29.71
C HIS C 172 -5.63 7.05 28.38
N LEU C 173 -5.36 6.24 27.37
CA LEU C 173 -4.97 6.78 26.07
C LEU C 173 -6.19 6.98 25.15
N LEU C 174 -6.54 8.24 24.93
CA LEU C 174 -7.77 8.55 24.17
C LEU C 174 -7.54 9.60 23.13
N VAL C 175 -8.25 9.47 22.02
CA VAL C 175 -8.34 10.55 21.08
C VAL C 175 -9.48 11.47 21.52
N LYS C 176 -9.19 12.75 21.72
CA LYS C 176 -10.15 13.76 22.13
C LYS C 176 -9.97 14.99 21.27
N ASN C 177 -11.06 15.37 20.61
CA ASN C 177 -11.07 16.45 19.67
C ASN C 177 -10.08 16.24 18.52
N GLY C 178 -10.01 15.01 18.04
CA GLY C 178 -9.05 14.64 17.01
C GLY C 178 -7.57 14.58 17.41
N VAL C 179 -7.25 14.61 18.69
CA VAL C 179 -5.88 14.73 19.14
C VAL C 179 -5.55 13.67 20.20
N ALA C 180 -4.39 13.04 20.16
CA ALA C 180 -4.02 12.06 21.15
C ALA C 180 -3.71 12.53 22.52
N HIS C 181 -4.15 11.79 23.50
CA HIS C 181 -3.97 12.12 24.88
C HIS C 181 -3.70 10.96 25.76
N TYR C 182 -3.02 11.27 26.83
CA TYR C 182 -2.82 10.40 27.94
C TYR C 182 -3.51 11.24 28.97
N LYS C 183 -4.59 10.74 29.51
CA LYS C 183 -5.42 11.48 30.43
C LYS C 183 -5.69 12.80 29.78
N ASP C 184 -5.35 13.88 30.49
CA ASP C 184 -5.61 15.22 29.99
C ASP C 184 -4.37 15.85 29.29
N ALA C 185 -3.31 15.04 29.01
CA ALA C 185 -2.02 15.54 28.43
C ALA C 185 -1.91 15.14 26.95
N LYS C 186 -1.71 16.09 26.09
CA LYS C 186 -1.65 15.78 24.67
C LYS C 186 -0.29 15.21 24.33
N TRP C 187 -0.28 14.26 23.39
CA TRP C 187 0.95 13.80 22.77
C TRP C 187 1.43 14.90 21.87
N LEU C 188 2.74 15.19 22.00
CA LEU C 188 3.45 16.20 21.23
C LEU C 188 4.67 15.68 20.48
N SER C 189 4.79 16.11 19.23
CA SER C 189 5.97 15.94 18.43
C SER C 189 6.73 17.28 18.33
N SER C 190 7.87 17.27 17.63
CA SER C 190 8.63 18.50 17.42
C SER C 190 7.83 19.50 16.59
N LYS C 191 6.91 19.01 15.75
CA LYS C 191 6.04 19.91 14.97
C LYS C 191 4.64 20.12 15.55
N GLY C 192 4.44 19.74 16.81
CA GLY C 192 3.14 19.88 17.46
C GLY C 192 2.35 18.59 17.70
N GLU C 193 1.08 18.78 18.03
CA GLU C 193 0.27 17.72 18.63
C GLU C 193 0.00 16.59 17.62
N ILE C 194 0.04 15.36 18.13
CA ILE C 194 -0.37 14.21 17.35
C ILE C 194 -1.87 14.22 17.09
N THR C 195 -2.26 13.92 15.86
CA THR C 195 -3.60 14.12 15.33
C THR C 195 -4.26 12.70 15.06
N CYS C 196 -5.58 12.66 14.86
CA CYS C 196 -6.28 11.47 14.31
C CYS C 196 -7.43 11.99 13.50
N PRO C 197 -7.70 11.39 12.33
CA PRO C 197 -8.91 11.80 11.62
C PRO C 197 -10.21 11.61 12.40
N LEU C 198 -10.21 10.83 13.48
CA LEU C 198 -11.42 10.65 14.28
C LEU C 198 -11.46 11.62 15.44
N GLU C 199 -12.62 12.21 15.67
CA GLU C 199 -12.77 13.22 16.70
C GLU C 199 -12.69 12.63 18.07
N GLN C 200 -13.21 11.42 18.22
CA GLN C 200 -13.13 10.74 19.49
C GLN C 200 -12.78 9.31 19.20
N GLY C 201 -12.20 8.65 20.21
CA GLY C 201 -11.89 7.23 20.10
C GLY C 201 -10.85 6.76 21.11
N THR C 202 -10.53 5.49 21.00
CA THR C 202 -9.61 4.85 21.90
C THR C 202 -8.31 4.42 21.18
N ILE C 203 -7.22 4.40 21.92
CA ILE C 203 -5.93 4.18 21.32
C ILE C 203 -5.48 2.78 21.60
N SER C 204 -4.94 2.13 20.57
CA SER C 204 -4.36 0.81 20.73
C SER C 204 -3.31 0.48 19.60
N LEU D 40 -16.58 5.80 29.83
CA LEU D 40 -17.18 5.87 28.46
C LEU D 40 -17.10 4.55 27.64
N ASP D 41 -15.91 3.93 27.59
CA ASP D 41 -15.76 2.49 27.25
C ASP D 41 -16.13 1.68 28.50
N ASP D 42 -17.42 1.45 28.67
CA ASP D 42 -18.00 0.81 29.86
C ASP D 42 -19.24 0.03 29.41
N ILE D 43 -19.10 -1.29 29.46
CA ILE D 43 -20.09 -2.22 28.93
C ILE D 43 -21.38 -2.23 29.72
N THR D 44 -21.29 -1.93 31.04
CA THR D 44 -22.46 -1.88 31.95
C THR D 44 -23.40 -0.75 31.61
N ARG D 45 -23.05 0.14 30.70
CA ARG D 45 -23.91 1.29 30.35
C ARG D 45 -24.94 0.98 29.26
N LEU D 46 -24.64 -0.06 28.51
CA LEU D 46 -25.49 -0.64 27.53
C LEU D 46 -26.60 -1.54 28.11
N ASN D 47 -27.81 -1.34 27.62
CA ASN D 47 -28.89 -2.22 27.96
C ASN D 47 -29.29 -3.05 26.75
N ILE D 48 -28.83 -4.31 26.76
CA ILE D 48 -28.99 -5.20 25.60
C ILE D 48 -29.93 -6.26 26.05
N ILE D 49 -31.13 -6.27 25.48
CA ILE D 49 -32.15 -7.17 25.93
C ILE D 49 -32.64 -8.05 24.77
N VAL D 50 -33.20 -9.18 25.16
CA VAL D 50 -33.74 -10.17 24.24
C VAL D 50 -35.07 -9.74 23.67
N GLY D 51 -35.25 -9.95 22.38
CA GLY D 51 -36.45 -9.56 21.69
C GLY D 51 -36.95 -10.71 20.85
N TYR D 52 -38.20 -10.66 20.47
CA TYR D 52 -38.78 -11.70 19.61
C TYR D 52 -39.43 -10.89 18.54
N VAL D 53 -39.28 -11.31 17.29
CA VAL D 53 -39.71 -10.51 16.15
C VAL D 53 -41.07 -10.98 15.62
N GLU D 54 -42.13 -10.26 16.01
CA GLU D 54 -43.50 -10.46 15.54
C GLU D 54 -43.74 -10.17 14.05
N GLU D 55 -43.04 -9.18 13.53
CA GLU D 55 -43.30 -8.73 12.16
C GLU D 55 -42.10 -8.09 11.48
N VAL D 56 -41.99 -8.37 10.19
CA VAL D 56 -41.11 -7.66 9.28
C VAL D 56 -41.94 -7.01 8.15
N GLU D 57 -41.86 -5.68 8.09
CA GLU D 57 -42.49 -4.90 7.06
C GLU D 57 -41.47 -4.08 6.30
N ILE D 58 -41.56 -4.09 4.97
CA ILE D 58 -40.84 -3.17 4.09
C ILE D 58 -41.14 -1.74 4.49
N HIS D 59 -40.09 -0.91 4.60
CA HIS D 59 -40.24 0.52 4.74
C HIS D 59 -40.47 1.08 3.31
N PRO D 60 -41.64 1.73 3.06
CA PRO D 60 -42.01 2.27 1.72
C PRO D 60 -41.12 3.39 1.15
N ASP D 61 -40.66 4.31 2.01
CA ASP D 61 -39.83 5.46 1.63
C ASP D 61 -38.27 5.24 1.67
N ALA D 62 -37.82 4.01 1.89
CA ALA D 62 -36.37 3.70 1.97
C ALA D 62 -36.04 2.23 1.68
N ASP D 63 -35.57 1.99 0.46
CA ASP D 63 -35.11 0.67 -0.02
C ASP D 63 -34.20 -0.08 0.98
N THR D 64 -33.62 0.68 1.90
CA THR D 64 -32.59 0.19 2.80
C THR D 64 -33.07 -0.56 4.07
N LEU D 65 -34.29 -0.26 4.55
CA LEU D 65 -34.73 -0.67 5.89
C LEU D 65 -36.02 -1.50 5.99
N TYR D 66 -35.99 -2.54 6.81
CA TYR D 66 -37.20 -3.22 7.28
C TYR D 66 -37.73 -2.52 8.52
N CYS D 67 -39.06 -2.30 8.58
CA CYS D 67 -39.70 -1.95 9.86
C CYS D 67 -40.01 -3.27 10.55
N LEU D 68 -39.58 -3.39 11.80
CA LEU D 68 -39.82 -4.61 12.53
C LEU D 68 -40.60 -4.22 13.75
N LYS D 69 -41.46 -5.16 14.20
CA LYS D 69 -42.16 -5.02 15.47
C LYS D 69 -41.65 -6.09 16.41
N ILE D 70 -41.08 -5.66 17.52
CA ILE D 70 -40.29 -6.54 18.38
C ILE D 70 -40.76 -6.49 19.85
N ASN D 71 -41.02 -7.66 20.41
CA ASN D 71 -41.43 -7.80 21.78
C ASN D 71 -40.19 -7.96 22.68
N VAL D 72 -39.92 -6.94 23.45
CA VAL D 72 -38.81 -6.94 24.36
C VAL D 72 -39.32 -6.93 25.78
N GLY D 73 -40.58 -7.34 25.96
CA GLY D 73 -41.12 -7.57 27.30
C GLY D 73 -41.50 -6.31 28.03
N GLU D 74 -41.72 -5.21 27.30
CA GLU D 74 -42.41 -4.07 27.85
C GLU D 74 -43.93 -4.11 27.40
N GLU D 75 -44.70 -3.11 27.77
CA GLU D 75 -46.14 -3.09 27.53
C GLU D 75 -46.40 -3.35 26.06
N LYS D 76 -45.86 -2.49 25.21
CA LYS D 76 -46.10 -2.60 23.79
C LYS D 76 -44.85 -3.10 23.05
N SER D 77 -45.10 -3.87 22.00
CA SER D 77 -44.09 -4.31 21.08
C SER D 77 -43.46 -3.03 20.47
N ARG D 78 -42.13 -3.01 20.29
CA ARG D 78 -41.41 -1.80 19.85
C ARG D 78 -41.16 -1.74 18.35
N ASP D 79 -41.34 -0.58 17.77
CA ASP D 79 -40.93 -0.35 16.40
C ASP D 79 -39.44 -0.09 16.31
N ILE D 80 -38.79 -0.85 15.42
CA ILE D 80 -37.39 -0.71 15.15
C ILE D 80 -37.10 -0.97 13.68
N CYS D 81 -36.37 -0.05 13.06
CA CYS D 81 -35.96 -0.21 11.66
C CYS D 81 -34.63 -0.97 11.62
N SER D 82 -34.48 -1.86 10.65
CA SER D 82 -33.24 -2.59 10.48
C SER D 82 -32.76 -2.48 9.03
N GLY D 83 -31.49 -2.08 8.88
CA GLY D 83 -30.81 -1.97 7.58
C GLY D 83 -30.35 -3.31 6.99
N LEU D 84 -31.00 -4.42 7.34
CA LEU D 84 -30.69 -5.73 6.76
C LEU D 84 -31.54 -6.07 5.52
N ARG D 85 -32.39 -5.16 5.07
CA ARG D 85 -33.25 -5.44 3.92
C ARG D 85 -32.46 -5.93 2.70
N LEU D 86 -31.38 -5.20 2.37
CA LEU D 86 -30.63 -5.49 1.14
C LEU D 86 -29.89 -6.82 1.22
N LYS D 87 -29.69 -7.36 2.43
CA LYS D 87 -28.89 -8.57 2.65
C LYS D 87 -29.66 -9.80 3.18
N LYS D 88 -30.85 -9.58 3.70
CA LYS D 88 -31.59 -10.65 4.36
C LYS D 88 -33.04 -10.70 3.90
N ASN D 89 -33.61 -11.89 3.81
CA ASN D 89 -35.06 -11.98 3.57
C ASN D 89 -35.86 -11.91 4.87
N SER D 90 -37.18 -11.79 4.72
CA SER D 90 -38.11 -11.63 5.83
C SER D 90 -38.14 -12.86 6.69
N GLU D 91 -38.07 -14.02 6.07
CA GLU D 91 -38.11 -15.22 6.87
C GLU D 91 -36.82 -15.49 7.68
N ASP D 92 -35.78 -14.68 7.45
CA ASP D 92 -34.55 -14.80 8.28
C ASP D 92 -34.66 -14.00 9.58
N LEU D 93 -35.62 -13.09 9.64
CA LEU D 93 -35.88 -12.21 10.80
C LEU D 93 -37.17 -12.58 11.58
N LEU D 94 -38.27 -12.74 10.83
CA LEU D 94 -39.56 -13.17 11.38
C LEU D 94 -39.44 -14.28 12.40
N HIS D 95 -39.94 -14.00 13.60
CA HIS D 95 -40.01 -14.96 14.71
C HIS D 95 -38.64 -15.41 15.21
N LYS D 96 -37.64 -14.58 15.03
CA LYS D 96 -36.35 -14.85 15.65
C LYS D 96 -36.34 -14.10 16.97
N TYR D 97 -35.77 -14.75 17.96
CA TYR D 97 -35.29 -14.11 19.14
C TYR D 97 -34.04 -13.33 18.78
N VAL D 98 -34.02 -12.02 19.01
CA VAL D 98 -32.86 -11.19 18.70
C VAL D 98 -32.35 -10.44 19.93
N LEU D 99 -31.21 -9.75 19.76
CA LEU D 99 -30.63 -8.84 20.81
C LEU D 99 -30.81 -7.42 20.39
N VAL D 100 -31.32 -6.62 21.33
CA VAL D 100 -31.65 -5.27 21.04
C VAL D 100 -30.96 -4.35 21.97
N LEU D 101 -30.28 -3.36 21.42
CA LEU D 101 -29.69 -2.38 22.28
C LEU D 101 -30.86 -1.43 22.45
N ALA D 102 -31.34 -1.36 23.68
CA ALA D 102 -32.66 -0.84 23.97
C ALA D 102 -32.63 0.53 24.55
N ASN D 103 -31.47 0.97 25.07
CA ASN D 103 -31.44 2.29 25.66
C ASN D 103 -31.02 3.42 24.75
N LEU D 104 -30.95 3.15 23.45
CA LEU D 104 -30.84 4.20 22.45
C LEU D 104 -32.13 5.03 22.46
N LYS D 105 -32.05 6.32 22.15
CA LYS D 105 -33.24 7.19 22.12
C LYS D 105 -34.10 6.87 20.91
N GLU D 106 -35.37 7.19 20.98
CA GLU D 106 -36.24 6.98 19.83
C GLU D 106 -35.79 7.85 18.64
N LYS D 107 -35.75 7.27 17.45
CA LYS D 107 -35.42 8.03 16.23
C LYS D 107 -36.49 7.81 15.17
N SER D 108 -37.00 8.91 14.66
CA SER D 108 -38.02 8.86 13.67
C SER D 108 -37.33 8.98 12.35
N LEU D 109 -37.29 7.91 11.60
CA LEU D 109 -36.62 7.92 10.35
C LEU D 109 -37.52 7.83 9.19
N ARG D 110 -37.53 8.84 8.34
CA ARG D 110 -38.30 8.80 7.10
C ARG D 110 -39.74 8.34 7.24
N GLY D 111 -40.42 8.99 8.14
CA GLY D 111 -41.80 8.71 8.40
C GLY D 111 -42.04 7.70 9.49
N ARG D 112 -41.23 6.66 9.59
CA ARG D 112 -41.47 5.66 10.65
C ARG D 112 -40.48 5.64 11.81
N LYS D 113 -41.01 5.52 13.01
CA LYS D 113 -40.24 5.58 14.24
C LYS D 113 -39.47 4.28 14.47
N SER D 114 -38.39 4.41 15.24
CA SER D 114 -37.46 3.30 15.53
C SER D 114 -36.80 3.49 16.92
N HIS D 115 -36.95 2.52 17.81
CA HIS D 115 -36.49 2.63 19.19
C HIS D 115 -35.52 1.48 19.58
N GLY D 116 -34.23 1.71 19.34
CA GLY D 116 -33.19 0.70 19.65
C GLY D 116 -32.66 0.03 18.38
N MET D 117 -31.77 -0.93 18.52
CA MET D 117 -31.26 -1.59 17.31
C MET D 117 -30.92 -3.04 17.55
N VAL D 118 -30.99 -3.79 16.45
CA VAL D 118 -30.86 -5.23 16.42
C VAL D 118 -29.43 -5.51 16.18
N LEU D 119 -28.81 -6.24 17.09
CA LEU D 119 -27.38 -6.45 17.01
C LEU D 119 -26.99 -7.60 16.06
N CYS D 120 -26.10 -7.29 15.12
CA CYS D 120 -25.59 -8.26 14.18
C CYS D 120 -24.08 -8.44 14.27
N GLY D 121 -23.64 -9.55 13.68
CA GLY D 121 -22.22 -9.79 13.40
C GLY D 121 -21.98 -9.63 11.92
N SER D 122 -20.94 -8.90 11.55
CA SER D 122 -20.51 -8.72 10.15
C SER D 122 -19.15 -9.35 9.84
N PHE D 123 -18.99 -9.87 8.63
CA PHE D 123 -17.69 -10.39 8.17
C PHE D 123 -17.73 -10.55 6.67
N GLY D 124 -16.76 -9.98 5.97
CA GLY D 124 -16.76 -10.00 4.51
C GLY D 124 -17.88 -9.12 4.02
N GLU D 125 -18.72 -9.66 3.14
CA GLU D 125 -19.93 -8.96 2.68
C GLU D 125 -21.12 -9.35 3.55
N GLN D 126 -20.99 -10.45 4.29
CA GLN D 126 -22.12 -11.08 4.93
C GLN D 126 -22.32 -10.67 6.37
N ILE D 127 -23.60 -10.63 6.74
CA ILE D 127 -24.05 -10.21 8.06
C ILE D 127 -24.98 -11.29 8.63
N GLU D 128 -25.09 -11.34 9.95
CA GLU D 128 -25.87 -12.38 10.62
C GLU D 128 -26.32 -11.85 11.96
N LEU D 129 -27.43 -12.43 12.45
CA LEU D 129 -28.02 -11.98 13.70
C LEU D 129 -27.23 -12.58 14.80
N LEU D 130 -26.90 -11.80 15.82
CA LEU D 130 -26.52 -12.40 17.08
C LEU D 130 -27.77 -13.15 17.56
N ALA D 131 -27.57 -14.32 18.18
CA ALA D 131 -28.61 -15.28 18.51
C ALA D 131 -28.47 -15.70 19.97
N PRO D 132 -29.59 -15.68 20.74
CA PRO D 132 -29.52 -16.22 22.07
C PRO D 132 -29.90 -17.66 21.97
N PRO D 133 -29.40 -18.48 22.88
CA PRO D 133 -29.91 -19.86 22.81
C PRO D 133 -31.46 -19.87 23.03
N ASP D 134 -32.18 -20.84 22.47
CA ASP D 134 -33.63 -20.96 22.71
C ASP D 134 -33.89 -21.14 24.19
N GLY D 135 -35.06 -20.70 24.61
CA GLY D 135 -35.47 -20.78 26.00
C GLY D 135 -35.38 -19.44 26.68
N VAL D 136 -34.71 -18.50 26.05
CA VAL D 136 -34.52 -17.21 26.71
C VAL D 136 -35.85 -16.48 26.78
N ASN D 137 -35.93 -15.54 27.70
CA ASN D 137 -37.12 -14.78 27.96
C ASN D 137 -36.97 -13.36 27.47
N VAL D 138 -38.02 -12.82 26.85
CA VAL D 138 -37.96 -11.46 26.32
C VAL D 138 -37.77 -10.51 27.47
N GLY D 139 -36.99 -9.49 27.23
CA GLY D 139 -36.76 -8.47 28.21
C GLY D 139 -35.52 -8.76 29.01
N GLU D 140 -34.96 -9.97 28.95
CA GLU D 140 -33.86 -10.32 29.88
C GLU D 140 -32.55 -9.61 29.53
N ARG D 141 -31.87 -9.13 30.58
CA ARG D 141 -30.62 -8.41 30.36
C ARG D 141 -29.44 -9.35 30.05
N ILE D 142 -28.79 -9.10 28.89
CA ILE D 142 -27.62 -9.85 28.47
C ILE D 142 -26.43 -9.24 29.15
N ILE D 143 -25.53 -10.07 29.56
CA ILE D 143 -24.36 -9.58 30.18
C ILE D 143 -23.08 -10.34 29.92
N CYS D 144 -22.03 -9.68 30.26
CA CYS D 144 -20.69 -10.19 30.16
C CYS D 144 -20.30 -11.04 31.28
N GLU D 145 -19.36 -11.91 31.04
CA GLU D 145 -18.83 -12.73 32.10
C GLU D 145 -18.24 -11.82 33.14
N ASN D 146 -18.60 -12.13 34.35
CA ASN D 146 -18.16 -11.44 35.54
C ASN D 146 -18.55 -10.00 35.66
N MET D 147 -19.60 -9.66 34.97
CA MET D 147 -20.18 -8.33 35.01
C MET D 147 -21.20 -8.34 36.15
N ASP D 148 -21.14 -7.40 37.10
CA ASP D 148 -22.17 -7.25 38.19
C ASP D 148 -23.54 -6.83 37.61
N VAL D 149 -24.60 -7.52 37.98
CA VAL D 149 -25.94 -7.16 37.46
C VAL D 149 -26.51 -5.86 38.03
N ASN D 150 -26.01 -5.43 39.18
CA ASN D 150 -26.39 -4.18 39.78
C ASN D 150 -25.81 -2.96 39.10
N LYS D 151 -25.03 -3.13 38.05
CA LYS D 151 -24.45 -1.97 37.38
C LYS D 151 -25.38 -1.65 36.22
N LEU D 152 -26.21 -0.65 36.43
CA LEU D 152 -27.37 -0.47 35.58
C LEU D 152 -26.98 0.27 34.34
N PRO D 153 -27.69 0.02 33.25
CA PRO D 153 -27.37 0.66 32.02
C PRO D 153 -27.76 2.14 32.12
N ASP D 154 -27.25 2.97 31.22
CA ASP D 154 -27.70 4.35 31.21
C ASP D 154 -29.18 4.29 30.86
N LYS D 155 -29.97 5.10 31.56
CA LYS D 155 -31.40 5.21 31.30
C LYS D 155 -31.59 5.54 29.84
N THR D 156 -30.92 6.60 29.40
CA THR D 156 -30.95 6.97 28.03
C THR D 156 -29.53 7.35 27.50
N LEU D 157 -29.19 6.73 26.37
CA LEU D 157 -27.96 7.03 25.62
C LEU D 157 -28.06 8.24 24.71
N SER D 158 -26.98 8.97 24.58
CA SER D 158 -26.99 10.28 23.90
C SER D 158 -27.45 10.19 22.46
N PHE D 159 -27.95 11.29 21.89
CA PHE D 159 -28.16 11.34 20.42
C PHE D 159 -26.78 11.56 19.75
N ASP D 160 -25.87 12.16 20.52
CA ASP D 160 -24.50 12.45 20.10
C ASP D 160 -23.65 11.17 20.13
N LYS D 161 -23.23 10.74 18.93
CA LYS D 161 -22.49 9.51 18.76
C LYS D 161 -21.22 9.58 19.53
N GLU D 162 -20.61 10.76 19.58
CA GLU D 162 -19.40 10.95 20.37
C GLU D 162 -19.63 10.83 21.87
N LYS D 163 -20.85 11.05 22.35
CA LYS D 163 -21.06 11.01 23.80
C LYS D 163 -21.77 9.74 24.20
N ASN D 164 -22.15 8.94 23.21
CA ASN D 164 -22.84 7.69 23.41
C ASN D 164 -21.83 6.56 23.56
N PRO D 165 -21.76 5.98 24.78
CA PRO D 165 -20.85 4.89 25.10
C PRO D 165 -20.73 3.75 24.09
N PHE D 166 -21.82 3.47 23.38
CA PHE D 166 -21.84 2.37 22.46
C PHE D 166 -20.79 2.39 21.38
N PHE D 167 -20.58 3.55 20.77
CA PHE D 167 -19.61 3.70 19.66
C PHE D 167 -18.17 3.74 20.17
N HIS D 168 -18.00 4.12 21.43
CA HIS D 168 -16.71 3.94 22.08
C HIS D 168 -16.47 2.49 22.47
N ILE D 169 -17.55 1.70 22.60
CA ILE D 169 -17.49 0.30 23.05
C ILE D 169 -17.42 -0.62 21.83
N GLN D 170 -18.05 -0.21 20.74
CA GLN D 170 -18.21 -1.07 19.57
C GLN D 170 -16.94 -1.74 19.05
N PRO D 171 -15.83 -0.99 18.99
CA PRO D 171 -14.61 -1.57 18.50
C PRO D 171 -14.27 -2.84 19.21
N HIS D 172 -14.61 -2.93 20.49
CA HIS D 172 -14.25 -4.09 21.27
C HIS D 172 -15.34 -5.17 21.30
N LEU D 173 -16.45 -4.96 20.62
CA LEU D 173 -17.48 -5.98 20.54
C LEU D 173 -17.27 -6.90 19.35
N LEU D 174 -16.83 -8.12 19.60
CA LEU D 174 -16.53 -9.01 18.46
C LEU D 174 -17.16 -10.37 18.60
N VAL D 175 -17.41 -10.98 17.45
CA VAL D 175 -17.65 -12.38 17.36
C VAL D 175 -16.34 -13.15 17.20
N LYS D 176 -16.15 -14.16 18.05
CA LYS D 176 -14.94 -14.96 18.11
C LYS D 176 -15.27 -16.43 18.37
N ASN D 177 -14.88 -17.27 17.42
CA ASN D 177 -15.21 -18.69 17.46
C ASN D 177 -16.72 -18.91 17.58
N GLY D 178 -17.45 -18.04 16.89
CA GLY D 178 -18.88 -18.13 16.79
C GLY D 178 -19.66 -17.54 17.97
N VAL D 179 -18.97 -16.86 18.89
CA VAL D 179 -19.54 -16.35 20.14
C VAL D 179 -19.26 -14.85 20.40
N ALA D 180 -20.28 -14.05 20.69
CA ALA D 180 -20.13 -12.60 20.91
C ALA D 180 -19.31 -12.25 22.16
N HIS D 181 -18.38 -11.31 22.06
CA HIS D 181 -17.58 -10.92 23.20
C HIS D 181 -17.53 -9.42 23.34
N TYR D 182 -17.26 -8.96 24.51
CA TYR D 182 -16.92 -7.60 24.68
C TYR D 182 -15.54 -7.79 25.20
N LYS D 183 -14.56 -7.33 24.46
CA LYS D 183 -13.18 -7.53 24.82
C LYS D 183 -12.97 -9.03 24.97
N ASP D 184 -12.46 -9.50 26.09
CA ASP D 184 -12.30 -10.94 26.24
C ASP D 184 -13.44 -11.70 26.89
N ALA D 185 -14.48 -11.01 27.32
CA ALA D 185 -15.60 -11.57 28.04
C ALA D 185 -16.77 -11.85 27.18
N LYS D 186 -17.30 -13.04 27.31
CA LYS D 186 -18.43 -13.48 26.50
C LYS D 186 -19.76 -12.92 26.96
N TRP D 187 -20.63 -12.67 25.99
CA TRP D 187 -22.00 -12.29 26.26
C TRP D 187 -22.76 -13.51 26.75
N LEU D 188 -23.50 -13.32 27.86
CA LEU D 188 -24.26 -14.38 28.51
C LEU D 188 -25.76 -14.10 28.57
N SER D 189 -26.55 -15.12 28.25
CA SER D 189 -27.98 -15.14 28.54
C SER D 189 -28.25 -16.13 29.68
N SER D 190 -29.50 -16.21 30.09
CA SER D 190 -29.96 -17.15 31.13
C SER D 190 -29.83 -18.61 30.65
N LYS D 191 -29.78 -18.80 29.34
CA LYS D 191 -29.58 -20.12 28.76
C LYS D 191 -28.17 -20.30 28.19
N GLY D 192 -27.20 -19.54 28.70
CA GLY D 192 -25.81 -19.57 28.22
C GLY D 192 -25.45 -18.57 27.11
N GLU D 193 -24.22 -18.65 26.66
CA GLU D 193 -23.61 -17.65 25.78
C GLU D 193 -24.33 -17.34 24.46
N ILE D 194 -24.16 -16.08 24.03
CA ILE D 194 -24.69 -15.61 22.74
C ILE D 194 -23.82 -16.05 21.57
N THR D 195 -24.43 -16.68 20.58
CA THR D 195 -23.76 -17.23 19.41
C THR D 195 -23.99 -16.40 18.15
N CYS D 196 -23.23 -16.67 17.10
CA CYS D 196 -23.44 -16.13 15.75
C CYS D 196 -22.95 -17.21 14.82
N PRO D 197 -23.67 -17.47 13.71
CA PRO D 197 -23.17 -18.42 12.67
C PRO D 197 -21.72 -18.15 12.12
N LEU D 198 -21.31 -16.90 12.06
CA LEU D 198 -19.99 -16.56 11.56
C LEU D 198 -18.92 -16.84 12.60
N GLU D 199 -17.86 -17.59 12.25
CA GLU D 199 -16.83 -17.91 13.23
C GLU D 199 -16.12 -16.66 13.73
N GLN D 200 -15.82 -15.74 12.84
CA GLN D 200 -15.22 -14.46 13.25
C GLN D 200 -16.06 -13.32 12.72
N GLY D 201 -15.94 -12.16 13.36
CA GLY D 201 -16.74 -11.02 12.96
C GLY D 201 -16.63 -9.77 13.82
N THR D 202 -17.32 -8.75 13.33
CA THR D 202 -17.53 -7.50 14.06
C THR D 202 -19.05 -7.34 14.41
N ILE D 203 -19.34 -6.73 15.55
CA ILE D 203 -20.71 -6.50 15.97
C ILE D 203 -21.16 -5.11 15.63
N SER D 204 -22.30 -4.98 14.95
CA SER D 204 -22.93 -3.67 14.71
C SER D 204 -24.45 -3.68 15.00
#